data_3ZPC
#
_entry.id   3ZPC
#
_cell.length_a   148.987
_cell.length_b   189.555
_cell.length_c   76.406
_cell.angle_alpha   90.00
_cell.angle_beta   90.00
_cell.angle_gamma   90.00
#
_symmetry.space_group_name_H-M   'C 2 2 21'
#
loop_
_entity.id
_entity.type
_entity.pdbx_description
1 polymer 'RIBOFLAVIN BIOSYNTHESIS PROTEIN RIBD'
2 non-polymer 'ZINC ION'
3 non-polymer 'ACETATE ION'
4 non-polymer 'PHOSPHATE ION'
5 water water
#
_entity_poly.entity_id   1
_entity_poly.type   'polypeptide(L)'
_entity_poly.pdbx_seq_one_letter_code
;MGSSHHHHHHSSGENLYFQGHMSELKQDQYWMQQAIELAKRGLYSTKPNPNVGCVIVKDDQLIGEGFHPKAGQPHAEVFA
LRQAGEQAQGATAYVTLEPCAHYGRTPPCAEALVKAQVKKVVVACPDPNPLVAGKGVQILKNAGIEVEIGICEDLAAKLN
QGFLKAMSTGMPYVRLKVASSLDGRTAMASGESKWITGSAARQDVQHWRAISGAVITGIDTVIADDCQLNVRSLHNIDIE
TVAQPKRVILDRRGRLPLTAKILENPETVMVMGPYRQELADLGVIQLEIQPLKTLLQTLSKQYQIYDVLIEAGATLSSAF
LQEGLIDEMISYVAPTLLGQSARAMFNADFEYMAQQLRFKLLDVIQLDQDIRLRLIPTQEKV
;
_entity_poly.pdbx_strand_id   A,B
#
# COMPACT_ATOMS: atom_id res chain seq x y z
N SER A 23 14.04 23.11 -26.82
CA SER A 23 14.46 21.72 -26.45
C SER A 23 15.93 21.68 -26.01
N GLU A 24 16.55 22.84 -25.88
CA GLU A 24 17.85 22.93 -25.20
C GLU A 24 17.67 22.49 -23.75
N LEU A 25 16.67 23.09 -23.09
CA LEU A 25 16.24 22.67 -21.76
C LEU A 25 15.97 21.16 -21.74
N LYS A 26 15.25 20.66 -22.74
CA LYS A 26 14.98 19.21 -22.85
C LYS A 26 16.26 18.39 -23.06
N GLN A 27 17.16 18.86 -23.93
CA GLN A 27 18.47 18.24 -24.10
C GLN A 27 19.25 18.17 -22.78
N ASP A 28 19.26 19.29 -22.05
CA ASP A 28 19.93 19.35 -20.75
C ASP A 28 19.37 18.37 -19.73
N GLN A 29 18.04 18.30 -19.66
CA GLN A 29 17.37 17.43 -18.73
C GLN A 29 17.66 16.00 -19.08
N TYR A 30 17.72 15.68 -20.37
CA TYR A 30 18.08 14.34 -20.78
C TYR A 30 19.43 13.96 -20.18
N TRP A 31 20.45 14.78 -20.45
CA TRP A 31 21.80 14.48 -20.00
C TRP A 31 21.94 14.47 -18.49
N MET A 32 21.26 15.40 -17.81
CA MET A 32 21.29 15.41 -16.37
C MET A 32 20.69 14.12 -15.82
N GLN A 33 19.60 13.66 -16.41
CA GLN A 33 18.93 12.44 -15.95
C GLN A 33 19.88 11.25 -16.03
N GLN A 34 20.74 11.27 -17.05
CA GLN A 34 21.81 10.30 -17.16
C GLN A 34 22.72 10.40 -15.94
N ALA A 35 23.09 11.64 -15.61
CA ALA A 35 24.01 11.89 -14.52
C ALA A 35 23.38 11.43 -13.20
N ILE A 36 22.07 11.66 -13.08
CA ILE A 36 21.33 11.25 -11.89
C ILE A 36 21.32 9.73 -11.79
N GLU A 37 21.28 9.02 -12.91
CA GLU A 37 21.36 7.56 -12.91
C GLU A 37 22.70 7.02 -12.45
N LEU A 38 23.77 7.60 -12.96
CA LEU A 38 25.11 7.27 -12.44
C LEU A 38 25.20 7.48 -10.91
N ALA A 39 24.66 8.60 -10.43
CA ALA A 39 24.67 8.92 -9.01
C ALA A 39 23.93 7.91 -8.11
N LYS A 40 23.11 7.04 -8.69
CA LYS A 40 22.45 5.98 -7.93
C LYS A 40 23.32 4.74 -7.81
N ARG A 41 24.55 4.79 -8.33
CA ARG A 41 25.35 3.58 -8.43
C ARG A 41 26.22 3.27 -7.19
N GLY A 42 26.44 4.25 -6.31
CA GLY A 42 27.18 4.03 -5.06
C GLY A 42 26.41 4.51 -3.82
N LEU A 43 25.10 4.32 -3.83
CA LEU A 43 24.22 4.79 -2.78
C LEU A 43 24.61 4.25 -1.41
N TYR A 44 25.15 3.03 -1.40
CA TYR A 44 25.50 2.37 -0.16
C TYR A 44 26.92 2.66 0.32
N SER A 45 27.76 3.17 -0.56
CA SER A 45 29.18 3.24 -0.28
C SER A 45 29.74 4.64 -0.11
N THR A 46 28.93 5.66 -0.38
CA THR A 46 29.46 7.02 -0.49
C THR A 46 29.66 7.72 0.84
N LYS A 47 28.79 7.44 1.81
CA LYS A 47 28.73 8.22 3.04
C LYS A 47 30.10 8.30 3.69
N PRO A 48 30.45 9.44 4.30
CA PRO A 48 29.65 10.67 4.52
C PRO A 48 29.56 11.54 3.28
N ASN A 49 30.37 11.22 2.27
CA ASN A 49 30.34 11.93 1.01
C ASN A 49 29.02 11.77 0.28
N PRO A 50 28.70 12.74 -0.60
CA PRO A 50 27.44 12.69 -1.32
C PRO A 50 27.50 11.75 -2.52
N ASN A 51 26.31 11.33 -2.93
CA ASN A 51 26.12 10.63 -4.18
C ASN A 51 26.11 11.67 -5.31
N VAL A 52 26.99 11.49 -6.29
CA VAL A 52 27.16 12.49 -7.32
C VAL A 52 27.36 11.76 -8.64
N GLY A 53 26.64 12.22 -9.67
CA GLY A 53 26.84 11.70 -11.03
C GLY A 53 27.27 12.80 -11.99
N CYS A 54 28.03 12.43 -13.00
CA CYS A 54 28.53 13.39 -13.98
C CYS A 54 28.69 12.72 -15.33
N VAL A 55 28.15 13.36 -16.36
CA VAL A 55 28.41 12.96 -17.74
C VAL A 55 29.04 14.14 -18.48
N ILE A 56 29.82 13.84 -19.49
CA ILE A 56 30.45 14.85 -20.32
C ILE A 56 30.02 14.63 -21.78
N VAL A 57 29.44 15.69 -22.37
CA VAL A 57 28.76 15.62 -23.66
C VAL A 57 29.43 16.55 -24.64
N LYS A 58 29.85 16.02 -25.78
CA LYS A 58 30.50 16.81 -26.83
C LYS A 58 29.85 16.49 -28.17
N ASP A 59 29.28 17.53 -28.80
CA ASP A 59 28.55 17.37 -30.06
C ASP A 59 27.41 16.38 -29.87
N ASP A 60 26.78 16.43 -28.70
CA ASP A 60 25.67 15.53 -28.35
C ASP A 60 26.12 14.09 -28.22
N GLN A 61 27.42 13.84 -28.16
CA GLN A 61 27.91 12.49 -27.92
C GLN A 61 28.36 12.42 -26.47
N LEU A 62 27.95 11.36 -25.80
CA LEU A 62 28.45 11.09 -24.45
C LEU A 62 29.92 10.68 -24.58
N ILE A 63 30.83 11.46 -24.01
CA ILE A 63 32.25 11.10 -24.15
C ILE A 63 32.93 10.72 -22.82
N GLY A 64 32.23 10.89 -21.72
CA GLY A 64 32.81 10.59 -20.43
C GLY A 64 31.73 10.46 -19.40
N GLU A 65 31.94 9.54 -18.46
CA GLU A 65 30.94 9.11 -17.51
C GLU A 65 31.60 8.86 -16.17
N GLY A 66 30.90 9.19 -15.09
CA GLY A 66 31.43 8.91 -13.78
C GLY A 66 30.45 9.10 -12.64
N PHE A 67 30.65 8.34 -11.57
CA PHE A 67 30.01 8.59 -10.28
C PHE A 67 31.05 8.53 -9.17
N HIS A 68 30.70 9.04 -7.99
CA HIS A 68 31.59 8.97 -6.86
C HIS A 68 31.32 7.66 -6.17
N PRO A 69 32.35 6.78 -6.08
CA PRO A 69 32.06 5.47 -5.52
C PRO A 69 32.09 5.41 -3.99
N LYS A 70 32.99 6.16 -3.37
CA LYS A 70 33.34 5.97 -1.97
C LYS A 70 34.17 7.15 -1.49
N ALA A 71 33.89 7.62 -0.27
CA ALA A 71 34.72 8.72 0.31
C ALA A 71 36.19 8.38 0.26
N GLY A 72 37.01 9.31 -0.23
CA GLY A 72 38.46 9.15 -0.29
C GLY A 72 38.89 8.79 -1.68
N GLN A 73 37.92 8.31 -2.46
CA GLN A 73 38.15 7.93 -3.85
C GLN A 73 37.77 9.11 -4.73
N PRO A 74 38.23 9.11 -5.99
CA PRO A 74 38.00 10.32 -6.78
C PRO A 74 36.51 10.65 -6.98
N HIS A 75 36.25 11.91 -7.33
CA HIS A 75 34.88 12.39 -7.54
C HIS A 75 34.39 12.02 -8.91
N ALA A 76 33.06 11.96 -9.07
CA ALA A 76 32.41 11.64 -10.35
C ALA A 76 33.06 12.41 -11.51
N GLU A 77 33.29 13.69 -11.26
CA GLU A 77 33.87 14.59 -12.24
C GLU A 77 35.20 14.08 -12.76
N VAL A 78 36.05 13.59 -11.86
CA VAL A 78 37.41 13.17 -12.22
C VAL A 78 37.27 11.98 -13.15
N PHE A 79 36.46 11.01 -12.72
CA PHE A 79 36.20 9.83 -13.51
C PHE A 79 35.64 10.19 -14.86
N ALA A 80 34.72 11.13 -14.89
CA ALA A 80 34.08 11.51 -16.16
C ALA A 80 35.13 12.18 -17.04
N LEU A 81 35.87 13.13 -16.47
CA LEU A 81 36.97 13.79 -17.19
C LEU A 81 38.03 12.82 -17.69
N ARG A 82 38.43 11.85 -16.86
CA ARG A 82 39.43 10.86 -17.29
C ARG A 82 39.02 10.11 -18.55
N GLN A 83 37.75 9.73 -18.63
CA GLN A 83 37.20 9.06 -19.80
C GLN A 83 37.16 9.98 -21.04
N ALA A 84 36.67 11.21 -20.85
CA ALA A 84 36.57 12.16 -21.94
C ALA A 84 37.94 12.47 -22.55
N GLY A 85 38.97 12.58 -21.71
CA GLY A 85 40.33 12.93 -22.17
C GLY A 85 40.42 14.32 -22.77
N GLU A 86 41.23 14.45 -23.83
CA GLU A 86 41.41 15.72 -24.56
C GLU A 86 40.09 16.29 -25.10
N GLN A 87 39.18 15.39 -25.42
CA GLN A 87 37.91 15.75 -26.07
C GLN A 87 37.00 16.56 -25.16
N ALA A 88 37.29 16.59 -23.87
CA ALA A 88 36.48 17.38 -22.92
C ALA A 88 36.53 18.87 -23.27
N GLN A 89 37.60 19.28 -23.93
CA GLN A 89 37.71 20.66 -24.40
C GLN A 89 36.50 21.07 -25.25
N GLY A 90 35.81 22.13 -24.83
CA GLY A 90 34.60 22.57 -25.53
C GLY A 90 33.36 21.73 -25.18
N ALA A 91 33.51 20.69 -24.38
CA ALA A 91 32.37 19.84 -24.02
C ALA A 91 31.49 20.46 -22.93
N THR A 92 30.31 19.88 -22.73
CA THR A 92 29.43 20.27 -21.64
C THR A 92 29.41 19.16 -20.59
N ALA A 93 29.75 19.54 -19.36
CA ALA A 93 29.72 18.65 -18.21
C ALA A 93 28.38 18.79 -17.54
N TYR A 94 27.73 17.65 -17.29
CA TYR A 94 26.48 17.60 -16.51
C TYR A 94 26.83 16.93 -15.19
N VAL A 95 26.52 17.59 -14.09
CA VAL A 95 26.92 17.09 -12.80
C VAL A 95 25.83 17.39 -11.78
N THR A 96 25.54 16.42 -10.93
CA THR A 96 24.33 16.46 -10.10
C THR A 96 24.50 17.31 -8.88
N LEU A 97 25.74 17.67 -8.61
CA LEU A 97 26.07 18.53 -7.51
C LEU A 97 27.15 19.50 -7.95
N GLU A 98 27.06 20.71 -7.47
CA GLU A 98 28.11 21.72 -7.71
C GLU A 98 29.51 21.10 -7.57
N PRO A 99 30.36 21.22 -8.60
CA PRO A 99 31.73 20.70 -8.47
C PRO A 99 32.43 21.33 -7.27
N CYS A 100 33.20 20.54 -6.55
CA CYS A 100 33.86 21.02 -5.32
C CYS A 100 35.04 21.98 -5.59
N ALA A 101 35.37 22.78 -4.58
CA ALA A 101 36.31 23.90 -4.71
C ALA A 101 37.53 23.79 -3.78
N HIS A 102 37.58 22.75 -2.98
CA HIS A 102 38.58 22.67 -1.90
C HIS A 102 39.37 21.42 -2.06
N TYR A 103 40.57 21.42 -1.49
CA TYR A 103 41.35 20.21 -1.34
C TYR A 103 40.84 19.55 -0.08
N GLY A 104 40.23 18.38 -0.24
CA GLY A 104 39.68 17.65 0.89
C GLY A 104 40.50 16.38 0.96
N ARG A 105 39.82 15.24 0.90
CA ARG A 105 40.55 14.01 0.75
C ARG A 105 41.13 13.94 -0.66
N THR A 106 40.65 14.79 -1.55
CA THR A 106 41.09 14.83 -2.96
C THR A 106 41.12 16.30 -3.44
N PRO A 107 41.71 16.55 -4.63
CA PRO A 107 41.79 17.91 -5.20
C PRO A 107 40.42 18.49 -5.60
N PRO A 108 40.36 19.80 -5.88
CA PRO A 108 39.06 20.40 -6.22
C PRO A 108 38.67 20.11 -7.66
N CYS A 109 37.41 19.70 -7.87
CA CYS A 109 36.89 19.34 -9.21
C CYS A 109 36.64 20.52 -10.15
N ALA A 110 36.28 21.67 -9.56
CA ALA A 110 36.10 22.89 -10.36
C ALA A 110 37.42 23.24 -11.09
N GLU A 111 38.53 23.11 -10.38
CA GLU A 111 39.86 23.30 -10.98
C GLU A 111 40.06 22.33 -12.13
N ALA A 112 39.55 21.10 -11.98
CA ALA A 112 39.78 20.05 -13.00
C ALA A 112 38.97 20.37 -14.25
N LEU A 113 37.73 20.81 -14.04
CA LEU A 113 36.89 21.23 -15.15
C LEU A 113 37.53 22.41 -15.89
N VAL A 114 38.08 23.37 -15.13
CA VAL A 114 38.80 24.48 -15.71
C VAL A 114 40.02 23.98 -16.52
N LYS A 115 40.75 23.00 -15.99
CA LYS A 115 41.94 22.47 -16.65
C LYS A 115 41.59 21.72 -17.93
N ALA A 116 40.48 20.99 -17.93
CA ALA A 116 40.02 20.26 -19.12
C ALA A 116 39.41 21.19 -20.18
N GLN A 117 39.17 22.45 -19.79
CA GLN A 117 38.68 23.46 -20.73
C GLN A 117 37.31 23.11 -21.32
N VAL A 118 36.44 22.55 -20.49
CA VAL A 118 35.05 22.42 -20.85
C VAL A 118 34.46 23.79 -21.17
N LYS A 119 33.47 23.80 -22.04
CA LYS A 119 32.77 25.03 -22.40
C LYS A 119 31.72 25.40 -21.35
N LYS A 120 31.11 24.38 -20.76
CA LYS A 120 29.92 24.60 -19.96
C LYS A 120 29.74 23.51 -18.91
N VAL A 121 29.24 23.91 -17.76
CA VAL A 121 28.93 22.98 -16.68
C VAL A 121 27.49 23.23 -16.25
N VAL A 122 26.68 22.19 -16.39
CA VAL A 122 25.28 22.21 -15.99
C VAL A 122 25.20 21.40 -14.69
N VAL A 123 24.59 22.01 -13.68
CA VAL A 123 24.65 21.56 -12.33
C VAL A 123 23.21 21.41 -11.87
N ALA A 124 22.90 20.29 -11.20
CA ALA A 124 21.55 20.09 -10.66
C ALA A 124 21.42 20.88 -9.38
N CYS A 125 22.07 20.38 -8.32
CA CYS A 125 22.02 20.98 -7.00
C CYS A 125 23.24 21.81 -6.67
N PRO A 126 23.00 23.04 -6.18
CA PRO A 126 24.03 23.75 -5.42
C PRO A 126 24.51 22.86 -4.28
N ASP A 127 25.76 23.06 -3.87
CA ASP A 127 26.30 22.30 -2.76
C ASP A 127 26.37 23.20 -1.53
N PRO A 128 25.49 22.95 -0.54
CA PRO A 128 25.45 23.79 0.66
C PRO A 128 26.59 23.48 1.65
N ASN A 129 27.35 22.43 1.38
CA ASN A 129 28.61 22.20 2.10
C ASN A 129 29.36 23.53 2.14
N PRO A 130 29.63 24.07 3.36
CA PRO A 130 30.21 25.43 3.45
C PRO A 130 31.61 25.48 2.82
N LEU A 131 32.24 24.33 2.66
CA LEU A 131 33.49 24.26 1.91
C LEU A 131 33.29 24.49 0.40
N VAL A 132 32.05 24.38 -0.07
CA VAL A 132 31.80 24.62 -1.49
C VAL A 132 30.83 25.81 -1.65
N ALA A 133 29.52 25.57 -1.47
CA ALA A 133 28.53 26.64 -1.40
C ALA A 133 28.80 27.82 -2.38
N GLY A 134 28.70 27.54 -3.67
CA GLY A 134 28.87 28.57 -4.69
C GLY A 134 30.29 28.76 -5.16
N LYS A 135 31.26 28.24 -4.42
CA LYS A 135 32.68 28.49 -4.75
C LYS A 135 33.15 27.70 -5.96
N GLY A 136 32.51 26.56 -6.25
CA GLY A 136 32.85 25.77 -7.44
C GLY A 136 32.31 26.50 -8.64
N VAL A 137 31.05 26.89 -8.55
CA VAL A 137 30.42 27.69 -9.57
C VAL A 137 31.29 28.90 -9.90
N GLN A 138 31.73 29.58 -8.86
CA GLN A 138 32.51 30.79 -9.01
C GLN A 138 33.84 30.52 -9.72
N ILE A 139 34.48 29.41 -9.37
CA ILE A 139 35.74 29.00 -10.00
C ILE A 139 35.56 28.82 -11.49
N LEU A 140 34.44 28.18 -11.87
CA LEU A 140 34.09 28.00 -13.27
C LEU A 140 33.79 29.30 -14.01
N LYS A 141 32.91 30.13 -13.45
CA LYS A 141 32.58 31.43 -14.04
C LYS A 141 33.88 32.20 -14.30
N ASN A 142 34.81 32.15 -13.35
CA ASN A 142 36.06 32.94 -13.44
C ASN A 142 36.95 32.51 -14.59
N ALA A 143 36.79 31.26 -15.01
CA ALA A 143 37.49 30.77 -16.19
C ALA A 143 36.71 31.00 -17.49
N GLY A 144 35.55 31.65 -17.41
CA GLY A 144 34.68 31.87 -18.58
C GLY A 144 33.93 30.62 -19.03
N ILE A 145 33.80 29.64 -18.15
CA ILE A 145 32.94 28.49 -18.39
C ILE A 145 31.50 28.93 -18.08
N GLU A 146 30.54 28.70 -18.98
CA GLU A 146 29.11 28.89 -18.65
C GLU A 146 28.65 27.91 -17.57
N VAL A 147 27.93 28.42 -16.58
CA VAL A 147 27.32 27.57 -15.58
C VAL A 147 25.82 27.75 -15.63
N GLU A 148 25.09 26.64 -15.77
CA GLU A 148 23.66 26.64 -15.52
C GLU A 148 23.40 25.76 -14.32
N ILE A 149 22.47 26.17 -13.47
CA ILE A 149 22.22 25.45 -12.25
C ILE A 149 20.73 25.29 -12.10
N GLY A 150 20.30 24.21 -11.44
CA GLY A 150 18.88 24.00 -11.15
C GLY A 150 18.25 22.94 -12.04
N ILE A 151 19.03 22.38 -12.97
CA ILE A 151 18.49 21.45 -13.94
C ILE A 151 18.25 20.08 -13.31
N CYS A 152 16.99 19.68 -13.30
CA CYS A 152 16.56 18.49 -12.58
C CYS A 152 17.01 18.53 -11.13
N GLU A 153 16.94 19.72 -10.52
CA GLU A 153 17.35 19.83 -9.12
C GLU A 153 16.51 18.96 -8.22
N ASP A 154 15.18 19.07 -8.32
CA ASP A 154 14.29 18.26 -7.48
C ASP A 154 14.59 16.77 -7.56
N LEU A 155 14.83 16.24 -8.77
CA LEU A 155 15.18 14.82 -8.90
C LEU A 155 16.52 14.50 -8.24
N ALA A 156 17.52 15.32 -8.52
CA ALA A 156 18.86 15.14 -7.94
C ALA A 156 18.88 15.30 -6.43
N ALA A 157 18.13 16.26 -5.90
CA ALA A 157 18.04 16.42 -4.44
C ALA A 157 17.68 15.12 -3.70
N LYS A 158 16.87 14.27 -4.34
CA LYS A 158 16.44 12.98 -3.78
C LYS A 158 17.65 12.05 -3.55
N LEU A 159 18.75 12.35 -4.20
CA LEU A 159 19.92 11.50 -4.10
C LEU A 159 20.77 11.75 -2.86
N ASN A 160 20.56 12.91 -2.22
CA ASN A 160 21.29 13.25 -1.00
C ASN A 160 20.37 13.95 0.02
N GLN A 161 19.29 13.30 0.40
CA GLN A 161 18.38 13.97 1.32
C GLN A 161 19.11 14.32 2.61
N GLY A 162 19.95 13.40 3.11
CA GLY A 162 20.64 13.63 4.35
C GLY A 162 21.74 14.68 4.26
N PHE A 163 22.66 14.46 3.33
CA PHE A 163 23.76 15.35 3.15
C PHE A 163 23.31 16.78 2.92
N LEU A 164 22.29 16.98 2.09
CA LEU A 164 21.87 18.32 1.74
C LEU A 164 21.21 18.95 2.95
N LYS A 165 20.41 18.14 3.67
CA LYS A 165 19.77 18.64 4.89
C LYS A 165 20.83 19.00 5.93
N ALA A 166 21.79 18.10 6.11
CA ALA A 166 22.83 18.28 7.12
C ALA A 166 23.70 19.49 6.84
N MET A 167 24.22 19.58 5.62
CA MET A 167 25.08 20.68 5.23
C MET A 167 24.40 22.05 5.33
N SER A 168 23.10 22.11 5.05
CA SER A 168 22.43 23.41 5.01
C SER A 168 21.68 23.76 6.30
N THR A 169 21.49 22.80 7.22
CA THR A 169 20.80 23.08 8.48
C THR A 169 21.52 22.53 9.72
N GLY A 170 22.48 21.62 9.55
CA GLY A 170 23.17 21.02 10.69
C GLY A 170 22.38 19.94 11.41
N MET A 171 21.27 19.54 10.80
CA MET A 171 20.43 18.46 11.26
C MET A 171 20.36 17.33 10.20
N PRO A 172 20.57 16.09 10.64
CA PRO A 172 20.55 14.96 9.69
C PRO A 172 19.12 14.67 9.20
N TYR A 173 19.00 13.95 8.10
CA TYR A 173 17.71 13.46 7.66
C TYR A 173 17.48 12.17 8.45
N VAL A 174 16.31 12.08 9.08
CA VAL A 174 16.01 11.04 10.05
C VAL A 174 14.79 10.24 9.58
N ARG A 175 15.01 8.96 9.33
CA ARG A 175 13.97 8.05 8.90
C ARG A 175 13.63 7.17 10.10
N LEU A 176 12.35 7.09 10.45
CA LEU A 176 11.93 6.29 11.60
C LEU A 176 11.37 4.99 11.06
N LYS A 177 11.92 3.87 11.47
CA LYS A 177 11.39 2.60 10.98
C LYS A 177 10.49 2.02 12.04
N VAL A 178 9.29 1.61 11.62
CA VAL A 178 8.36 0.87 12.47
C VAL A 178 7.74 -0.27 11.71
N ALA A 179 7.46 -1.35 12.44
CA ALA A 179 6.85 -2.54 11.92
C ALA A 179 5.75 -2.85 12.92
N SER A 180 4.59 -3.24 12.41
CA SER A 180 3.44 -3.49 13.24
C SER A 180 2.48 -4.37 12.49
N SER A 181 1.52 -4.91 13.23
CA SER A 181 0.39 -5.59 12.69
C SER A 181 -0.58 -4.53 12.16
N LEU A 182 -1.64 -4.99 11.50
CA LEU A 182 -2.63 -4.08 10.98
C LEU A 182 -3.28 -3.30 12.11
N ASP A 183 -3.47 -3.92 13.27
CA ASP A 183 -4.06 -3.19 14.39
C ASP A 183 -3.06 -2.46 15.27
N GLY A 184 -1.86 -2.22 14.72
CA GLY A 184 -0.91 -1.26 15.28
C GLY A 184 -0.10 -1.73 16.47
N ARG A 185 0.10 -3.03 16.55
CA ARG A 185 0.65 -3.69 17.70
C ARG A 185 1.99 -4.32 17.29
N THR A 186 2.94 -4.44 18.21
CA THR A 186 4.30 -4.90 17.85
C THR A 186 4.74 -6.14 18.62
N ALA A 187 3.97 -6.52 19.64
CA ALA A 187 4.24 -7.72 20.42
C ALA A 187 3.00 -7.99 21.21
N MET A 188 2.93 -9.17 21.81
CA MET A 188 1.90 -9.48 22.78
C MET A 188 2.19 -8.78 24.11
N ALA A 189 1.20 -8.72 25.01
CA ALA A 189 1.38 -8.07 26.33
C ALA A 189 2.54 -8.67 27.12
N SER A 190 2.81 -9.95 26.89
CA SER A 190 3.97 -10.64 27.45
C SER A 190 5.29 -10.08 26.93
N GLY A 191 5.27 -9.54 25.72
CA GLY A 191 6.51 -9.22 25.01
C GLY A 191 6.93 -10.20 23.90
N GLU A 192 6.20 -11.30 23.75
CA GLU A 192 6.41 -12.21 22.62
C GLU A 192 6.08 -11.47 21.31
N SER A 193 6.88 -11.64 20.27
CA SER A 193 6.75 -10.81 19.10
C SER A 193 7.29 -11.42 17.82
N LYS A 194 7.62 -12.70 17.83
CA LYS A 194 8.30 -13.20 16.65
C LYS A 194 7.37 -13.41 15.43
N TRP A 195 7.91 -13.02 14.28
CA TRP A 195 7.27 -13.12 12.98
C TRP A 195 5.95 -12.40 12.85
N ILE A 196 5.99 -11.08 13.03
CA ILE A 196 4.89 -10.21 12.63
C ILE A 196 5.09 -9.89 11.16
N THR A 197 6.07 -9.04 10.86
CA THR A 197 6.45 -8.81 9.46
C THR A 197 7.33 -9.95 8.99
N GLY A 198 7.38 -10.13 7.68
CA GLY A 198 8.09 -11.25 7.08
C GLY A 198 9.45 -10.80 6.55
N SER A 199 10.08 -11.68 5.80
CA SER A 199 11.47 -11.49 5.46
C SER A 199 11.72 -10.42 4.42
N ALA A 200 10.82 -10.26 3.45
CA ALA A 200 10.98 -9.20 2.47
C ALA A 200 11.00 -7.82 3.12
N ALA A 201 10.18 -7.63 4.15
CA ALA A 201 10.19 -6.38 4.89
C ALA A 201 11.52 -6.20 5.61
N ARG A 202 12.01 -7.29 6.21
CA ARG A 202 13.29 -7.31 6.93
C ARG A 202 14.46 -6.99 6.03
N GLN A 203 14.40 -7.54 4.83
CA GLN A 203 15.39 -7.29 3.81
C GLN A 203 15.27 -5.85 3.25
N ASP A 204 14.07 -5.27 3.28
CA ASP A 204 13.94 -3.88 2.86
C ASP A 204 14.65 -2.95 3.84
N VAL A 205 14.53 -3.27 5.13
CA VAL A 205 15.21 -2.53 6.20
C VAL A 205 16.73 -2.48 5.94
N GLN A 206 17.28 -3.55 5.38
CA GLN A 206 18.69 -3.55 5.03
C GLN A 206 19.04 -2.33 4.18
N HIS A 207 18.24 -2.06 3.14
CA HIS A 207 18.42 -0.89 2.31
C HIS A 207 18.46 0.40 3.13
N TRP A 208 17.49 0.57 4.02
CA TRP A 208 17.43 1.78 4.82
C TRP A 208 18.63 1.91 5.70
N ARG A 209 19.09 0.78 6.24
CA ARG A 209 20.29 0.77 7.07
C ARG A 209 21.50 1.20 6.21
N ALA A 210 21.61 0.63 5.02
CA ALA A 210 22.78 0.81 4.17
C ALA A 210 23.00 2.24 3.61
N ILE A 211 21.96 3.05 3.59
CA ILE A 211 22.15 4.45 3.15
C ILE A 211 22.25 5.35 4.39
N SER A 212 22.18 4.75 5.58
CA SER A 212 22.19 5.54 6.82
C SER A 212 23.58 5.61 7.45
N GLY A 213 23.96 6.80 7.91
CA GLY A 213 25.20 7.03 8.66
C GLY A 213 25.13 6.44 10.07
N ALA A 214 23.92 6.35 10.61
CA ALA A 214 23.75 5.76 11.91
C ALA A 214 22.38 5.13 12.06
N VAL A 215 22.32 4.03 12.80
CA VAL A 215 21.07 3.48 13.23
C VAL A 215 21.00 3.73 14.72
N ILE A 216 19.93 4.34 15.17
CA ILE A 216 19.79 4.66 16.56
C ILE A 216 18.77 3.73 17.18
N THR A 217 19.16 3.09 18.27
CA THR A 217 18.23 2.31 19.07
C THR A 217 18.42 2.61 20.56
N GLY A 218 17.45 2.18 21.38
CA GLY A 218 17.55 2.32 22.82
C GLY A 218 18.06 1.02 23.45
N ILE A 219 18.51 1.14 24.70
CA ILE A 219 19.07 -0.01 25.40
C ILE A 219 18.08 -1.18 25.47
N ASP A 220 16.81 -0.85 25.66
CA ASP A 220 15.76 -1.85 25.80
C ASP A 220 15.70 -2.81 24.61
N THR A 221 15.91 -2.26 23.43
CA THR A 221 15.92 -3.05 22.22
C THR A 221 17.11 -3.99 22.24
N VAL A 222 18.26 -3.49 22.68
CA VAL A 222 19.46 -4.28 22.66
C VAL A 222 19.37 -5.48 23.65
N ILE A 223 18.92 -5.21 24.88
CA ILE A 223 18.72 -6.27 25.87
C ILE A 223 17.68 -7.28 25.37
N ALA A 224 16.54 -6.78 24.91
CA ALA A 224 15.44 -7.64 24.46
C ALA A 224 15.75 -8.47 23.21
N ASP A 225 16.35 -7.85 22.19
CA ASP A 225 16.47 -8.53 20.88
C ASP A 225 17.90 -8.98 20.68
N ASP A 226 18.84 -8.35 21.39
CA ASP A 226 20.25 -8.54 21.09
C ASP A 226 20.48 -8.31 19.56
N CYS A 227 19.85 -7.25 19.07
CA CYS A 227 19.93 -6.84 17.67
C CYS A 227 21.34 -6.37 17.34
N GLN A 228 21.68 -6.39 16.05
CA GLN A 228 23.00 -5.94 15.60
C GLN A 228 22.91 -4.62 14.90
N LEU A 229 21.82 -4.44 14.16
CA LEU A 229 21.50 -3.22 13.42
C LEU A 229 22.56 -2.82 12.39
N ASN A 230 23.30 -3.81 11.90
CA ASN A 230 24.21 -3.62 10.78
C ASN A 230 23.57 -4.10 9.45
N VAL A 231 24.36 -4.00 8.39
CA VAL A 231 23.94 -4.38 7.07
C VAL A 231 24.69 -5.67 6.78
N ARG A 232 23.93 -6.74 6.55
CA ARG A 232 24.48 -8.06 6.37
C ARG A 232 24.14 -8.66 5.03
N SER A 233 23.04 -8.20 4.42
CA SER A 233 22.66 -8.68 3.07
C SER A 233 21.87 -7.63 2.30
N LEU A 234 22.04 -7.62 1.00
CA LEU A 234 21.42 -6.60 0.19
C LEU A 234 21.23 -7.29 -1.14
N HIS A 235 20.06 -7.15 -1.73
CA HIS A 235 19.77 -7.89 -2.95
C HIS A 235 20.73 -7.52 -4.05
N ASN A 236 21.48 -8.52 -4.51
CA ASN A 236 22.42 -8.39 -5.63
C ASN A 236 23.60 -7.41 -5.42
N ILE A 237 23.95 -7.13 -4.17
CA ILE A 237 25.10 -6.28 -3.86
C ILE A 237 26.15 -6.97 -2.97
N ASP A 238 27.43 -6.90 -3.39
CA ASP A 238 28.57 -7.32 -2.57
C ASP A 238 28.66 -6.41 -1.33
N ILE A 239 28.48 -7.01 -0.15
CA ILE A 239 28.28 -6.25 1.10
C ILE A 239 29.58 -5.53 1.46
N GLU A 240 30.69 -5.96 0.87
CA GLU A 240 31.98 -5.31 1.04
C GLU A 240 31.99 -3.88 0.56
N THR A 241 31.10 -3.56 -0.37
CA THR A 241 31.02 -2.21 -0.88
C THR A 241 30.34 -1.30 0.16
N VAL A 242 29.55 -1.90 1.05
CA VAL A 242 28.72 -1.07 1.97
C VAL A 242 29.56 -0.35 3.01
N ALA A 243 29.34 0.95 3.11
CA ALA A 243 29.90 1.77 4.16
C ALA A 243 28.90 1.66 5.29
N GLN A 244 29.27 0.82 6.26
CA GLN A 244 28.39 0.39 7.33
C GLN A 244 27.89 1.55 8.15
N PRO A 245 26.60 1.54 8.53
CA PRO A 245 26.15 2.55 9.48
C PRO A 245 26.83 2.37 10.83
N LYS A 246 26.95 3.45 11.60
CA LYS A 246 27.28 3.29 13.00
C LYS A 246 26.01 2.94 13.73
N ARG A 247 26.16 2.23 14.86
CA ARG A 247 25.05 1.82 15.68
C ARG A 247 25.13 2.69 16.90
N VAL A 248 24.05 3.41 17.18
CA VAL A 248 24.02 4.34 18.29
C VAL A 248 23.01 3.85 19.33
N ILE A 249 23.51 3.58 20.53
CA ILE A 249 22.71 3.04 21.61
C ILE A 249 22.45 4.07 22.69
N LEU A 250 21.19 4.43 22.87
CA LEU A 250 20.81 5.31 23.97
C LEU A 250 20.67 4.46 25.22
N ASP A 251 21.49 4.76 26.22
CA ASP A 251 21.61 3.95 27.44
C ASP A 251 21.88 4.87 28.65
N ARG A 252 20.90 5.74 28.97
CA ARG A 252 21.02 6.72 30.07
CA ARG A 252 20.98 6.71 30.07
C ARG A 252 21.73 6.15 31.29
N ARG A 253 21.41 4.90 31.65
CA ARG A 253 21.94 4.32 32.88
C ARG A 253 22.99 3.22 32.71
N GLY A 254 23.56 3.11 31.51
CA GLY A 254 24.72 2.25 31.30
C GLY A 254 24.46 0.80 31.63
N ARG A 255 23.32 0.28 31.20
CA ARG A 255 23.04 -1.13 31.35
C ARG A 255 23.63 -2.02 30.25
N LEU A 256 24.33 -1.46 29.27
CA LEU A 256 24.78 -2.26 28.13
C LEU A 256 25.73 -3.37 28.51
N PRO A 257 25.32 -4.66 28.29
CA PRO A 257 26.22 -5.76 28.65
C PRO A 257 27.31 -5.85 27.61
N LEU A 258 28.52 -6.17 28.05
CA LEU A 258 29.68 -6.26 27.15
C LEU A 258 29.57 -7.43 26.18
N THR A 259 28.70 -8.36 26.51
CA THR A 259 28.50 -9.57 25.71
C THR A 259 27.47 -9.37 24.61
N ALA A 260 26.81 -8.21 24.62
CA ALA A 260 25.78 -7.88 23.62
C ALA A 260 26.36 -8.03 22.22
N LYS A 261 25.63 -8.70 21.34
CA LYS A 261 26.12 -8.96 19.99
C LYS A 261 26.43 -7.66 19.23
N ILE A 262 25.69 -6.59 19.52
CA ILE A 262 25.91 -5.31 18.84
C ILE A 262 27.33 -4.79 19.09
N LEU A 263 28.02 -5.39 20.06
CA LEU A 263 29.39 -4.96 20.42
C LEU A 263 30.50 -5.77 19.76
N GLU A 264 30.15 -6.80 19.00
CA GLU A 264 31.20 -7.61 18.43
C GLU A 264 32.03 -6.85 17.41
N ASN A 265 31.53 -5.68 16.99
CA ASN A 265 32.29 -4.80 16.13
C ASN A 265 32.35 -3.41 16.77
N PRO A 266 33.10 -3.28 17.87
CA PRO A 266 33.03 -2.11 18.73
C PRO A 266 33.33 -0.79 18.01
N GLU A 267 34.23 -0.80 17.04
CA GLU A 267 34.65 0.43 16.36
C GLU A 267 33.51 1.19 15.69
N THR A 268 32.41 0.50 15.42
CA THR A 268 31.25 1.14 14.79
C THR A 268 30.08 1.26 15.75
N VAL A 269 30.36 1.30 17.06
CA VAL A 269 29.31 1.51 18.04
C VAL A 269 29.57 2.80 18.79
N MET A 270 28.51 3.54 19.05
CA MET A 270 28.55 4.74 19.85
C MET A 270 27.51 4.53 20.94
N VAL A 271 27.81 4.94 22.16
CA VAL A 271 26.85 4.72 23.23
C VAL A 271 26.61 6.04 23.92
N MET A 272 25.35 6.38 24.12
CA MET A 272 25.04 7.56 24.87
C MET A 272 24.64 7.14 26.27
N GLY A 273 25.56 7.35 27.20
CA GLY A 273 25.37 6.94 28.58
C GLY A 273 26.50 7.36 29.48
N PRO A 274 26.53 6.85 30.73
CA PRO A 274 27.62 7.22 31.62
C PRO A 274 28.94 6.66 31.09
N TYR A 275 30.01 7.44 31.25
CA TYR A 275 31.30 7.01 30.78
C TYR A 275 31.70 5.70 31.44
N ARG A 276 32.09 4.75 30.61
CA ARG A 276 32.61 3.48 31.08
C ARG A 276 33.94 3.23 30.41
N GLN A 277 34.95 2.98 31.25
CA GLN A 277 36.29 2.70 30.78
C GLN A 277 36.33 1.37 30.01
N GLU A 278 35.50 0.41 30.40
CA GLU A 278 35.46 -0.86 29.67
C GLU A 278 34.96 -0.65 28.24
N LEU A 279 34.07 0.32 28.04
CA LEU A 279 33.64 0.71 26.68
C LEU A 279 34.74 1.45 25.96
N ALA A 280 35.29 2.49 26.59
CA ALA A 280 36.41 3.19 25.97
C ALA A 280 37.49 2.19 25.50
N ASP A 281 37.77 1.17 26.31
CA ASP A 281 38.81 0.21 25.96
C ASP A 281 38.50 -0.70 24.77
N LEU A 282 37.23 -1.01 24.56
CA LEU A 282 36.81 -1.74 23.37
C LEU A 282 36.88 -0.90 22.10
N GLY A 283 36.92 0.41 22.26
CA GLY A 283 36.93 1.34 21.13
C GLY A 283 35.58 1.94 20.79
N VAL A 284 34.62 1.83 21.71
CA VAL A 284 33.29 2.40 21.55
C VAL A 284 33.34 3.92 21.76
N ILE A 285 32.75 4.70 20.86
CA ILE A 285 32.63 6.14 21.07
C ILE A 285 31.61 6.36 22.17
N GLN A 286 31.97 7.19 23.14
CA GLN A 286 31.05 7.45 24.22
C GLN A 286 30.53 8.84 24.12
N LEU A 287 29.20 8.97 24.09
CA LEU A 287 28.55 10.25 23.93
C LEU A 287 27.94 10.70 25.23
N GLU A 288 27.95 12.01 25.42
CA GLU A 288 27.38 12.64 26.58
C GLU A 288 25.87 12.47 26.53
N ILE A 289 25.26 12.19 27.68
CA ILE A 289 23.82 12.18 27.75
C ILE A 289 23.31 13.55 27.34
N GLN A 290 22.40 13.58 26.38
CA GLN A 290 21.93 14.85 25.82
C GLN A 290 20.54 14.61 25.30
N PRO A 291 19.76 15.68 25.10
CA PRO A 291 18.45 15.56 24.49
C PRO A 291 18.57 15.06 23.05
N LEU A 292 17.52 14.37 22.58
CA LEU A 292 17.50 13.79 21.24
C LEU A 292 17.81 14.76 20.08
N LYS A 293 17.21 15.96 20.12
CA LYS A 293 17.53 16.92 19.09
C LYS A 293 19.04 17.20 19.07
N THR A 294 19.62 17.37 20.26
CA THR A 294 21.03 17.70 20.41
C THR A 294 21.91 16.55 19.96
N LEU A 295 21.48 15.33 20.30
CA LEU A 295 22.16 14.11 19.89
C LEU A 295 22.23 14.06 18.38
N LEU A 296 21.12 14.39 17.73
CA LEU A 296 21.07 14.38 16.27
C LEU A 296 22.04 15.42 15.68
N GLN A 297 22.04 16.62 16.25
CA GLN A 297 22.99 17.64 15.83
C GLN A 297 24.41 17.18 16.07
N THR A 298 24.65 16.54 17.23
CA THR A 298 25.99 16.00 17.52
C THR A 298 26.45 15.01 16.44
N LEU A 299 25.58 14.08 16.07
CA LEU A 299 25.93 13.10 15.03
C LEU A 299 26.31 13.77 13.71
N SER A 300 25.58 14.82 13.35
CA SER A 300 25.90 15.62 12.18
C SER A 300 27.18 16.39 12.31
N LYS A 301 27.27 17.26 13.32
CA LYS A 301 28.40 18.20 13.40
C LYS A 301 29.69 17.53 13.80
N GLN A 302 29.62 16.49 14.62
CA GLN A 302 30.87 15.88 15.10
C GLN A 302 31.27 14.61 14.39
N TYR A 303 30.30 13.82 13.95
CA TYR A 303 30.61 12.49 13.41
C TYR A 303 30.25 12.28 11.95
N GLN A 304 29.85 13.36 11.26
CA GLN A 304 29.55 13.33 9.83
C GLN A 304 28.47 12.32 9.50
N ILE A 305 27.44 12.26 10.34
CA ILE A 305 26.35 11.35 10.11
C ILE A 305 25.22 12.25 9.64
N TYR A 306 24.81 12.07 8.40
CA TYR A 306 23.84 12.96 7.76
C TYR A 306 22.50 12.24 7.50
N ASP A 307 22.53 10.92 7.59
CA ASP A 307 21.33 10.08 7.44
C ASP A 307 21.23 9.18 8.66
N VAL A 308 20.07 9.18 9.28
CA VAL A 308 19.88 8.47 10.52
C VAL A 308 18.65 7.60 10.33
N LEU A 309 18.74 6.37 10.84
CA LEU A 309 17.63 5.46 10.89
C LEU A 309 17.35 5.15 12.35
N ILE A 310 16.13 5.37 12.82
CA ILE A 310 15.76 4.96 14.17
C ILE A 310 15.08 3.61 14.11
N GLU A 311 15.64 2.62 14.82
CA GLU A 311 15.06 1.29 14.98
C GLU A 311 14.92 1.02 16.46
N ALA A 312 13.84 1.50 17.04
CA ALA A 312 13.72 1.52 18.49
C ALA A 312 12.33 1.06 18.91
N GLY A 313 12.11 0.87 20.19
CA GLY A 313 10.80 0.44 20.69
C GLY A 313 9.83 1.59 20.67
N ALA A 314 8.66 1.31 21.24
CA ALA A 314 7.58 2.26 21.23
C ALA A 314 8.00 3.59 21.83
N THR A 315 8.61 3.54 23.00
CA THR A 315 8.85 4.74 23.79
C THR A 315 9.83 5.66 23.10
N LEU A 316 10.97 5.10 22.68
CA LEU A 316 11.99 5.92 22.06
C LEU A 316 11.46 6.42 20.72
N SER A 317 10.77 5.54 19.99
CA SER A 317 10.18 5.89 18.69
C SER A 317 9.18 7.04 18.83
N SER A 318 8.33 6.96 19.82
CA SER A 318 7.31 7.96 20.02
C SER A 318 7.93 9.30 20.42
N ALA A 319 8.99 9.25 21.22
CA ALA A 319 9.65 10.47 21.67
C ALA A 319 10.26 11.20 20.47
N PHE A 320 10.87 10.47 19.55
CA PHE A 320 11.42 11.10 18.36
C PHE A 320 10.30 11.72 17.52
N LEU A 321 9.15 11.03 17.46
CA LEU A 321 8.03 11.52 16.70
C LEU A 321 7.43 12.74 17.33
N GLN A 322 7.18 12.67 18.63
CA GLN A 322 6.46 13.75 19.28
C GLN A 322 7.35 14.97 19.40
N GLU A 323 8.67 14.77 19.43
CA GLU A 323 9.57 15.91 19.49
C GLU A 323 9.78 16.55 18.11
N GLY A 324 9.16 15.99 17.06
CA GLY A 324 9.26 16.56 15.72
C GLY A 324 10.61 16.30 15.08
N LEU A 325 11.22 15.16 15.42
CA LEU A 325 12.58 14.89 14.98
C LEU A 325 12.69 13.90 13.81
N ILE A 326 11.54 13.53 13.25
CA ILE A 326 11.49 12.58 12.14
C ILE A 326 11.16 13.29 10.84
N ASP A 327 11.96 13.05 9.80
CA ASP A 327 11.67 13.63 8.48
C ASP A 327 10.78 12.67 7.71
N GLU A 328 11.03 11.38 7.90
CA GLU A 328 10.33 10.35 7.17
C GLU A 328 10.08 9.11 8.02
N MET A 329 8.83 8.61 8.02
CA MET A 329 8.58 7.37 8.71
C MET A 329 8.35 6.26 7.68
N ILE A 330 8.96 5.13 7.95
CA ILE A 330 8.88 4.01 7.05
C ILE A 330 8.16 2.99 7.89
N SER A 331 6.97 2.62 7.43
CA SER A 331 6.08 1.82 8.23
C SER A 331 5.81 0.54 7.50
N TYR A 332 6.14 -0.56 8.14
CA TYR A 332 5.86 -1.88 7.59
C TYR A 332 4.66 -2.38 8.33
N VAL A 333 3.68 -2.90 7.59
CA VAL A 333 2.46 -3.39 8.19
C VAL A 333 2.24 -4.81 7.70
N ALA A 334 2.03 -5.70 8.66
CA ALA A 334 1.75 -7.09 8.41
C ALA A 334 0.25 -7.29 8.33
N PRO A 335 -0.17 -8.23 7.50
CA PRO A 335 -1.57 -8.51 7.28
C PRO A 335 -2.12 -9.38 8.41
N THR A 336 -2.00 -8.91 9.64
CA THR A 336 -2.41 -9.70 10.79
C THR A 336 -2.93 -8.83 11.91
N LEU A 337 -3.74 -9.44 12.79
CA LEU A 337 -4.33 -8.75 13.95
C LEU A 337 -3.91 -9.41 15.25
N LEU A 338 -3.31 -8.61 16.14
CA LEU A 338 -2.78 -9.12 17.41
C LEU A 338 -3.73 -8.81 18.58
N GLY A 339 -4.69 -7.92 18.36
CA GLY A 339 -5.72 -7.65 19.36
C GLY A 339 -5.41 -6.50 20.30
N GLN A 340 -6.41 -6.10 21.07
CA GLN A 340 -6.37 -4.84 21.82
C GLN A 340 -5.47 -4.84 23.05
N SER A 341 -4.99 -6.02 23.46
CA SER A 341 -4.12 -6.08 24.61
C SER A 341 -2.65 -6.09 24.21
N ALA A 342 -2.36 -6.27 22.93
CA ALA A 342 -0.96 -6.34 22.46
C ALA A 342 -0.29 -4.97 22.52
N ARG A 343 1.04 -4.95 22.52
CA ARG A 343 1.83 -3.73 22.72
C ARG A 343 1.64 -2.76 21.55
N ALA A 344 1.34 -1.50 21.88
CA ALA A 344 1.14 -0.45 20.89
C ALA A 344 2.47 -0.03 20.27
N MET A 345 2.45 0.25 18.97
CA MET A 345 3.64 0.70 18.24
C MET A 345 3.96 2.15 18.57
N PHE A 346 2.92 2.90 18.94
CA PHE A 346 3.07 4.32 19.24
C PHE A 346 2.35 4.56 20.56
N ASN A 347 3.08 5.05 21.55
CA ASN A 347 2.59 4.89 22.91
C ASN A 347 2.34 6.19 23.63
N ALA A 348 2.09 7.24 22.86
CA ALA A 348 1.56 8.47 23.41
C ALA A 348 0.12 8.17 23.78
N ASP A 349 -0.43 8.90 24.76
CA ASP A 349 -1.89 8.91 24.90
C ASP A 349 -2.50 10.29 24.72
N PHE A 350 -3.26 10.41 23.66
CA PHE A 350 -3.95 11.63 23.34
C PHE A 350 -5.38 11.55 23.89
N GLU A 351 -5.88 12.64 24.43
CA GLU A 351 -7.26 12.68 24.88
C GLU A 351 -8.17 13.10 23.74
N TYR A 352 -7.67 13.97 22.86
CA TYR A 352 -8.49 14.58 21.81
C TYR A 352 -8.02 14.26 20.40
N MET A 353 -8.99 14.13 19.49
CA MET A 353 -8.76 13.82 18.08
C MET A 353 -7.85 14.82 17.36
N ALA A 354 -7.97 16.09 17.74
CA ALA A 354 -7.16 17.19 17.20
C ALA A 354 -5.65 17.00 17.45
N GLN A 355 -5.32 16.24 18.50
CA GLN A 355 -3.93 15.91 18.84
C GLN A 355 -3.29 14.85 17.95
N GLN A 356 -4.08 14.17 17.14
CA GLN A 356 -3.55 13.09 16.27
C GLN A 356 -2.29 13.48 15.49
N LEU A 357 -1.35 12.56 15.34
CA LEU A 357 -0.13 12.91 14.62
C LEU A 357 -0.33 12.61 13.15
N ARG A 358 -0.46 13.66 12.35
CA ARG A 358 -0.73 13.53 10.93
C ARG A 358 0.48 13.39 10.04
N PHE A 359 0.33 12.63 8.97
CA PHE A 359 1.37 12.51 7.98
C PHE A 359 0.83 12.71 6.57
N LYS A 360 1.74 13.02 5.66
CA LYS A 360 1.50 12.91 4.25
C LYS A 360 2.10 11.59 3.78
N LEU A 361 1.36 10.86 2.96
CA LEU A 361 1.77 9.59 2.37
C LEU A 361 2.59 9.85 1.13
N LEU A 362 3.84 9.39 1.09
CA LEU A 362 4.62 9.45 -0.14
C LEU A 362 4.16 8.33 -1.07
N ASP A 363 4.12 7.12 -0.53
CA ASP A 363 3.74 5.96 -1.32
C ASP A 363 3.53 4.75 -0.44
N VAL A 364 2.94 3.72 -1.03
CA VAL A 364 2.83 2.43 -0.41
C VAL A 364 3.23 1.39 -1.43
N ILE A 365 3.94 0.36 -0.98
CA ILE A 365 4.29 -0.77 -1.83
C ILE A 365 4.03 -2.03 -1.07
N GLN A 366 3.98 -3.13 -1.82
CA GLN A 366 3.78 -4.45 -1.30
C GLN A 366 5.13 -5.16 -1.23
N LEU A 367 5.44 -5.77 -0.10
CA LEU A 367 6.69 -6.51 0.07
C LEU A 367 6.31 -7.92 0.43
N ASP A 368 6.06 -8.73 -0.59
CA ASP A 368 5.38 -10.04 -0.46
C ASP A 368 4.04 -9.88 0.25
N GLN A 369 3.96 -10.23 1.53
CA GLN A 369 2.72 -10.16 2.27
C GLN A 369 2.56 -8.90 3.12
N ASP A 370 3.66 -8.18 3.33
CA ASP A 370 3.60 -6.94 4.11
C ASP A 370 3.46 -5.81 3.13
N ILE A 371 3.09 -4.67 3.66
CA ILE A 371 3.13 -3.44 2.88
C ILE A 371 4.10 -2.52 3.56
N ARG A 372 4.58 -1.53 2.81
CA ARG A 372 5.42 -0.53 3.37
C ARG A 372 4.90 0.84 2.93
N LEU A 373 4.70 1.71 3.91
CA LEU A 373 4.23 3.06 3.71
C LEU A 373 5.41 3.97 3.98
N ARG A 374 5.59 4.99 3.16
CA ARG A 374 6.53 6.04 3.50
C ARG A 374 5.74 7.30 3.76
N LEU A 375 6.08 7.96 4.87
CA LEU A 375 5.24 9.00 5.41
C LEU A 375 6.06 10.17 5.89
N ILE A 376 5.58 11.37 5.58
CA ILE A 376 6.23 12.62 5.93
C ILE A 376 5.37 13.33 6.95
N PRO A 377 5.90 13.56 8.17
CA PRO A 377 5.13 14.34 9.11
C PRO A 377 4.60 15.64 8.50
N THR A 378 3.35 15.93 8.81
CA THR A 378 2.76 17.23 8.53
C THR A 378 3.23 18.19 9.62
N GLN A 379 4.00 19.22 9.25
CA GLN A 379 4.40 20.25 10.20
C GLN A 379 4.40 21.62 9.52
N GLU B 24 -4.24 -21.05 -29.68
CA GLU B 24 -5.60 -21.59 -29.99
C GLU B 24 -6.39 -21.82 -28.71
N LEU B 25 -5.68 -22.22 -27.65
CA LEU B 25 -6.17 -22.06 -26.28
C LEU B 25 -6.02 -20.57 -25.93
N LYS B 26 -4.91 -19.98 -26.37
CA LYS B 26 -4.68 -18.54 -26.22
C LYS B 26 -5.69 -17.69 -27.00
N GLN B 27 -6.17 -18.22 -28.12
CA GLN B 27 -7.25 -17.58 -28.86
C GLN B 27 -8.53 -17.62 -28.05
N ASP B 28 -8.82 -18.79 -27.48
CA ASP B 28 -9.99 -18.95 -26.64
C ASP B 28 -9.92 -17.96 -25.48
N GLN B 29 -8.76 -17.91 -24.82
CA GLN B 29 -8.56 -17.06 -23.65
C GLN B 29 -8.75 -15.58 -23.97
N TYR B 30 -8.25 -15.16 -25.13
CA TYR B 30 -8.45 -13.79 -25.63
C TYR B 30 -9.94 -13.41 -25.74
N TRP B 31 -10.73 -14.28 -26.37
CA TRP B 31 -12.16 -14.03 -26.52
C TRP B 31 -12.90 -14.04 -25.22
N MET B 32 -12.56 -14.97 -24.33
CA MET B 32 -13.16 -15.02 -23.00
C MET B 32 -12.93 -13.73 -22.20
N GLN B 33 -11.71 -13.18 -22.29
CA GLN B 33 -11.34 -11.93 -21.61
C GLN B 33 -12.18 -10.78 -22.05
N GLN B 34 -12.50 -10.74 -23.34
CA GLN B 34 -13.46 -9.76 -23.88
C GLN B 34 -14.81 -9.94 -23.20
N ALA B 35 -15.26 -11.20 -23.12
CA ALA B 35 -16.54 -11.50 -22.49
C ALA B 35 -16.47 -11.10 -21.02
N ILE B 36 -15.31 -11.30 -20.42
CA ILE B 36 -15.11 -10.92 -19.03
C ILE B 36 -15.25 -9.40 -18.84
N GLU B 37 -14.79 -8.64 -19.84
CA GLU B 37 -14.85 -7.18 -19.81
C GLU B 37 -16.26 -6.65 -19.99
N LEU B 38 -17.00 -7.24 -20.92
CA LEU B 38 -18.42 -6.95 -21.10
C LEU B 38 -19.26 -7.28 -19.87
N ALA B 39 -18.92 -8.39 -19.21
CA ALA B 39 -19.62 -8.82 -17.99
C ALA B 39 -19.65 -7.73 -16.91
N LYS B 40 -18.54 -6.97 -16.84
CA LYS B 40 -18.33 -5.91 -15.84
C LYS B 40 -19.25 -4.69 -16.01
N ARG B 41 -19.95 -4.63 -17.14
CA ARG B 41 -20.75 -3.47 -17.48
C ARG B 41 -22.10 -3.37 -16.78
N GLY B 42 -22.48 -4.44 -16.09
CA GLY B 42 -23.73 -4.44 -15.33
C GLY B 42 -23.51 -4.59 -13.83
N LEU B 43 -22.25 -4.40 -13.42
CA LEU B 43 -21.77 -4.73 -12.09
C LEU B 43 -22.63 -4.20 -10.95
N TYR B 44 -23.16 -2.99 -11.10
CA TYR B 44 -23.93 -2.34 -10.04
C TYR B 44 -25.44 -2.57 -10.15
N SER B 45 -25.86 -3.18 -11.25
CA SER B 45 -27.26 -3.23 -11.61
C SER B 45 -27.81 -4.64 -11.81
N THR B 46 -26.94 -5.64 -11.80
CA THR B 46 -27.36 -7.04 -12.02
C THR B 46 -27.95 -7.78 -10.82
N LYS B 47 -27.49 -7.49 -9.61
CA LYS B 47 -27.87 -8.31 -8.44
C LYS B 47 -29.41 -8.43 -8.38
N PRO B 48 -29.96 -9.61 -7.98
CA PRO B 48 -29.32 -10.87 -7.57
C PRO B 48 -28.81 -11.75 -8.70
N ASN B 49 -29.07 -11.37 -9.94
CA ASN B 49 -28.54 -12.09 -11.07
C ASN B 49 -27.02 -11.89 -11.20
N PRO B 50 -26.32 -12.88 -11.82
CA PRO B 50 -24.88 -12.76 -11.94
C PRO B 50 -24.48 -11.75 -13.04
N ASN B 51 -23.21 -11.39 -13.05
CA ASN B 51 -22.62 -10.66 -14.17
C ASN B 51 -22.12 -11.66 -15.17
N VAL B 52 -22.53 -11.48 -16.41
CA VAL B 52 -22.23 -12.44 -17.45
C VAL B 52 -21.93 -11.62 -18.68
N GLY B 53 -20.98 -12.10 -19.47
CA GLY B 53 -20.67 -11.43 -20.72
C GLY B 53 -20.65 -12.47 -21.79
N CYS B 54 -20.90 -12.06 -23.03
CA CYS B 54 -20.86 -13.01 -24.12
C CYS B 54 -20.35 -12.38 -25.39
N VAL B 55 -19.42 -13.06 -26.05
CA VAL B 55 -19.05 -12.67 -27.40
C VAL B 55 -19.32 -13.84 -28.36
N ILE B 56 -19.70 -13.48 -29.59
CA ILE B 56 -19.82 -14.42 -30.68
C ILE B 56 -18.70 -14.17 -31.71
N VAL B 57 -17.99 -15.23 -32.06
CA VAL B 57 -16.92 -15.16 -33.05
C VAL B 57 -17.21 -16.12 -34.21
N LYS B 58 -17.25 -15.58 -35.42
CA LYS B 58 -17.53 -16.37 -36.61
C LYS B 58 -16.22 -16.92 -37.19
N ASP B 59 -15.63 -16.18 -38.12
CA ASP B 59 -14.38 -16.56 -38.75
C ASP B 59 -13.25 -15.73 -38.18
N ASP B 60 -13.02 -15.88 -36.87
CA ASP B 60 -12.00 -15.11 -36.17
C ASP B 60 -12.42 -13.64 -36.01
N GLN B 61 -13.67 -13.35 -36.37
CA GLN B 61 -14.22 -12.00 -36.26
C GLN B 61 -15.24 -11.91 -35.14
N LEU B 62 -15.18 -10.82 -34.36
CA LEU B 62 -16.20 -10.47 -33.37
C LEU B 62 -17.46 -10.07 -34.11
N ILE B 63 -18.56 -10.78 -33.87
CA ILE B 63 -19.82 -10.52 -34.59
C ILE B 63 -21.02 -10.38 -33.65
N GLY B 64 -20.77 -10.44 -32.35
CA GLY B 64 -21.84 -10.31 -31.36
C GLY B 64 -21.32 -10.12 -29.95
N GLU B 65 -21.87 -9.11 -29.27
CA GLU B 65 -21.48 -8.75 -27.92
C GLU B 65 -22.72 -8.58 -27.06
N GLY B 66 -22.65 -9.05 -25.83
CA GLY B 66 -23.75 -8.92 -24.91
C GLY B 66 -23.29 -9.05 -23.47
N PHE B 67 -23.96 -8.32 -22.59
CA PHE B 67 -23.84 -8.52 -21.16
C PHE B 67 -25.24 -8.48 -20.59
N HIS B 68 -25.36 -8.88 -19.33
CA HIS B 68 -26.63 -8.88 -18.64
C HIS B 68 -26.78 -7.60 -17.87
N PRO B 69 -27.79 -6.79 -18.20
CA PRO B 69 -27.78 -5.48 -17.53
C PRO B 69 -28.47 -5.42 -16.17
N LYS B 70 -29.39 -6.35 -15.91
CA LYS B 70 -30.36 -6.15 -14.84
C LYS B 70 -31.22 -7.39 -14.72
N ALA B 71 -31.42 -7.86 -13.49
CA ALA B 71 -32.32 -8.99 -13.28
C ALA B 71 -33.65 -8.67 -13.94
N GLY B 72 -34.16 -9.63 -14.68
CA GLY B 72 -35.43 -9.46 -15.40
C GLY B 72 -35.24 -9.20 -16.88
N GLN B 73 -34.05 -8.74 -17.25
CA GLN B 73 -33.72 -8.40 -18.61
C GLN B 73 -33.10 -9.61 -19.29
N PRO B 74 -32.96 -9.56 -20.64
CA PRO B 74 -32.33 -10.69 -21.33
C PRO B 74 -30.92 -10.99 -20.84
N HIS B 75 -30.53 -12.26 -20.93
CA HIS B 75 -29.19 -12.68 -20.58
C HIS B 75 -28.19 -12.23 -21.63
N ALA B 76 -26.93 -12.13 -21.24
CA ALA B 76 -25.85 -11.74 -22.17
C ALA B 76 -25.96 -12.50 -23.48
N GLU B 77 -26.17 -13.81 -23.42
CA GLU B 77 -26.25 -14.63 -24.63
C GLU B 77 -27.30 -14.12 -25.62
N VAL B 78 -28.47 -13.75 -25.10
CA VAL B 78 -29.54 -13.23 -25.93
C VAL B 78 -29.10 -11.95 -26.63
N PHE B 79 -28.48 -11.04 -25.89
CA PHE B 79 -28.04 -9.80 -26.49
C PHE B 79 -26.98 -9.97 -27.58
N ALA B 80 -26.11 -10.96 -27.40
CA ALA B 80 -25.02 -11.20 -28.35
C ALA B 80 -25.57 -11.89 -29.60
N LEU B 81 -26.47 -12.85 -29.40
CA LEU B 81 -27.07 -13.55 -30.52
C LEU B 81 -27.91 -12.61 -31.39
N ARG B 82 -28.60 -11.67 -30.75
CA ARG B 82 -29.35 -10.63 -31.45
C ARG B 82 -28.42 -9.90 -32.42
N GLN B 83 -27.25 -9.47 -31.92
CA GLN B 83 -26.24 -8.82 -32.76
C GLN B 83 -25.72 -9.73 -33.88
N ALA B 84 -25.38 -10.96 -33.52
CA ALA B 84 -24.93 -11.96 -34.48
C ALA B 84 -25.90 -12.18 -35.65
N GLY B 85 -27.20 -12.29 -35.34
CA GLY B 85 -28.23 -12.58 -36.34
C GLY B 85 -28.04 -13.95 -36.95
N GLU B 86 -28.56 -14.14 -38.16
CA GLU B 86 -28.36 -15.39 -38.93
C GLU B 86 -26.87 -15.76 -39.05
N GLN B 87 -25.98 -14.80 -38.84
CA GLN B 87 -24.53 -15.00 -38.93
C GLN B 87 -23.98 -15.89 -37.81
N ALA B 88 -24.73 -16.01 -36.72
CA ALA B 88 -24.41 -16.89 -35.59
C ALA B 88 -24.19 -18.35 -35.99
N GLN B 89 -24.75 -18.73 -37.13
CA GLN B 89 -24.69 -20.10 -37.63
C GLN B 89 -23.23 -20.52 -37.83
N GLY B 90 -22.84 -21.62 -37.20
CA GLY B 90 -21.46 -22.12 -37.30
C GLY B 90 -20.44 -21.30 -36.53
N ALA B 91 -20.89 -20.27 -35.83
CA ALA B 91 -20.01 -19.40 -35.03
C ALA B 91 -19.61 -20.03 -33.69
N THR B 92 -18.69 -19.37 -32.97
CA THR B 92 -18.28 -19.80 -31.64
C THR B 92 -18.66 -18.74 -30.61
N ALA B 93 -19.49 -19.16 -29.65
CA ALA B 93 -19.91 -18.31 -28.54
C ALA B 93 -19.03 -18.52 -27.31
N TYR B 94 -18.63 -17.42 -26.70
CA TYR B 94 -17.85 -17.43 -25.46
C TYR B 94 -18.68 -16.77 -24.39
N VAL B 95 -18.93 -17.47 -23.30
CA VAL B 95 -19.78 -16.93 -22.26
C VAL B 95 -19.14 -17.20 -20.90
N THR B 96 -19.14 -16.19 -20.04
CA THR B 96 -18.43 -16.27 -18.77
C THR B 96 -19.06 -17.24 -17.77
N LEU B 97 -20.31 -17.61 -18.03
CA LEU B 97 -21.02 -18.54 -17.17
C LEU B 97 -21.86 -19.49 -18.03
N GLU B 98 -21.89 -20.75 -17.64
CA GLU B 98 -22.70 -21.77 -18.35
C GLU B 98 -24.08 -21.23 -18.75
N PRO B 99 -24.42 -21.29 -20.05
CA PRO B 99 -25.77 -20.91 -20.50
C PRO B 99 -26.88 -21.70 -19.82
N CYS B 100 -27.88 -20.97 -19.32
CA CYS B 100 -28.93 -21.55 -18.52
C CYS B 100 -29.80 -22.46 -19.33
N ALA B 101 -30.44 -23.39 -18.62
CA ALA B 101 -31.28 -24.40 -19.26
C ALA B 101 -32.71 -24.31 -18.80
N HIS B 102 -32.96 -23.46 -17.80
CA HIS B 102 -34.28 -23.39 -17.19
C HIS B 102 -34.93 -22.07 -17.44
N TYR B 103 -36.25 -22.08 -17.60
CA TYR B 103 -37.01 -20.85 -17.59
C TYR B 103 -36.89 -20.27 -16.19
N GLY B 104 -36.59 -18.98 -16.13
CA GLY B 104 -36.59 -18.23 -14.88
C GLY B 104 -37.52 -17.06 -15.14
N ARG B 105 -37.04 -15.85 -14.94
CA ARG B 105 -37.75 -14.67 -15.48
C ARG B 105 -37.69 -14.69 -17.01
N THR B 106 -36.69 -15.40 -17.57
CA THR B 106 -36.46 -15.40 -19.01
C THR B 106 -36.26 -16.82 -19.53
N PRO B 107 -36.21 -16.99 -20.86
CA PRO B 107 -36.01 -18.35 -21.39
C PRO B 107 -34.57 -18.90 -21.24
N PRO B 108 -34.37 -20.22 -21.51
CA PRO B 108 -33.04 -20.87 -21.49
C PRO B 108 -32.11 -20.42 -22.64
N CYS B 109 -30.94 -19.91 -22.29
CA CYS B 109 -29.89 -19.56 -23.27
C CYS B 109 -29.36 -20.76 -24.03
N ALA B 110 -29.28 -21.92 -23.36
CA ALA B 110 -28.84 -23.13 -24.03
C ALA B 110 -29.65 -23.33 -25.32
N GLU B 111 -30.96 -23.12 -25.21
CA GLU B 111 -31.87 -23.30 -26.34
C GLU B 111 -31.66 -22.22 -27.41
N ALA B 112 -31.47 -20.97 -26.97
CA ALA B 112 -31.23 -19.87 -27.92
C ALA B 112 -30.00 -20.16 -28.78
N LEU B 113 -28.99 -20.75 -28.16
CA LEU B 113 -27.75 -21.13 -28.82
C LEU B 113 -27.95 -22.33 -29.76
N VAL B 114 -28.87 -23.22 -29.40
CA VAL B 114 -29.26 -24.31 -30.29
C VAL B 114 -29.98 -23.74 -31.52
N LYS B 115 -30.96 -22.86 -31.28
CA LYS B 115 -31.69 -22.20 -32.36
C LYS B 115 -30.75 -21.42 -33.29
N ALA B 116 -29.79 -20.69 -32.71
CA ALA B 116 -28.85 -19.90 -33.51
C ALA B 116 -27.82 -20.75 -34.26
N GLN B 117 -27.82 -22.05 -33.98
CA GLN B 117 -27.02 -23.05 -34.73
C GLN B 117 -25.52 -22.77 -34.72
N VAL B 118 -25.00 -22.45 -33.55
CA VAL B 118 -23.57 -22.21 -33.37
C VAL B 118 -22.79 -23.53 -33.44
N LYS B 119 -21.50 -23.44 -33.73
CA LYS B 119 -20.62 -24.61 -33.79
C LYS B 119 -20.19 -25.04 -32.39
N LYS B 120 -19.71 -24.06 -31.63
CA LYS B 120 -19.03 -24.30 -30.36
C LYS B 120 -19.44 -23.30 -29.29
N VAL B 121 -19.41 -23.74 -28.05
CA VAL B 121 -19.59 -22.85 -26.92
C VAL B 121 -18.43 -23.01 -25.95
N VAL B 122 -17.81 -21.88 -25.61
CA VAL B 122 -16.73 -21.84 -24.63
C VAL B 122 -17.19 -21.12 -23.36
N VAL B 123 -17.14 -21.85 -22.26
CA VAL B 123 -17.71 -21.40 -21.00
C VAL B 123 -16.59 -21.20 -19.99
N ALA B 124 -16.66 -20.10 -19.25
CA ALA B 124 -15.72 -19.91 -18.15
C ALA B 124 -16.19 -20.70 -16.93
N CYS B 125 -17.27 -20.25 -16.30
CA CYS B 125 -17.71 -20.84 -15.04
C CYS B 125 -18.87 -21.76 -15.29
N PRO B 126 -18.76 -23.03 -14.86
CA PRO B 126 -19.95 -23.87 -14.83
C PRO B 126 -20.97 -23.18 -13.95
N ASP B 127 -22.24 -23.50 -14.10
CA ASP B 127 -23.25 -22.98 -13.17
C ASP B 127 -22.88 -23.43 -11.77
N PRO B 128 -22.84 -22.48 -10.81
CA PRO B 128 -22.44 -22.80 -9.45
C PRO B 128 -23.55 -23.53 -8.67
N ASN B 129 -24.79 -23.45 -9.16
CA ASN B 129 -25.89 -24.16 -8.51
C ASN B 129 -25.80 -25.66 -8.86
N PRO B 130 -25.46 -26.50 -7.87
CA PRO B 130 -25.17 -27.88 -8.19
C PRO B 130 -26.37 -28.62 -8.77
N LEU B 131 -27.58 -28.14 -8.53
CA LEU B 131 -28.77 -28.77 -9.10
C LEU B 131 -28.93 -28.54 -10.61
N VAL B 132 -28.13 -27.65 -11.16
CA VAL B 132 -28.33 -27.17 -12.52
C VAL B 132 -27.01 -27.16 -13.30
N ALA B 133 -25.90 -27.31 -12.58
CA ALA B 133 -24.57 -27.38 -13.18
C ALA B 133 -24.58 -28.41 -14.30
N GLY B 134 -24.14 -28.03 -15.50
CA GLY B 134 -24.03 -28.99 -16.59
C GLY B 134 -25.29 -29.17 -17.42
N LYS B 135 -26.43 -28.68 -16.92
CA LYS B 135 -27.68 -28.82 -17.66
C LYS B 135 -27.62 -28.07 -18.99
N GLY B 136 -27.04 -26.87 -18.99
CA GLY B 136 -26.88 -26.10 -20.20
C GLY B 136 -25.94 -26.81 -21.13
N VAL B 137 -24.80 -27.27 -20.59
CA VAL B 137 -23.83 -28.07 -21.36
C VAL B 137 -24.52 -29.27 -22.02
N GLN B 138 -25.34 -29.98 -21.24
CA GLN B 138 -26.04 -31.19 -21.71
C GLN B 138 -26.90 -30.92 -22.94
N ILE B 139 -27.70 -29.85 -22.88
CA ILE B 139 -28.52 -29.41 -24.02
C ILE B 139 -27.62 -29.07 -25.21
N LEU B 140 -26.55 -28.32 -24.95
CA LEU B 140 -25.62 -27.94 -26.00
C LEU B 140 -25.00 -29.16 -26.67
N LYS B 141 -24.56 -30.11 -25.85
CA LYS B 141 -23.87 -31.29 -26.36
C LYS B 141 -24.82 -32.22 -27.12
N ASN B 142 -26.09 -32.24 -26.70
CA ASN B 142 -27.09 -33.07 -27.36
C ASN B 142 -27.52 -32.53 -28.69
N ALA B 143 -27.47 -31.20 -28.83
CA ALA B 143 -27.69 -30.55 -30.11
C ALA B 143 -26.47 -30.71 -31.04
N GLY B 144 -25.46 -31.46 -30.57
CA GLY B 144 -24.24 -31.67 -31.35
C GLY B 144 -23.44 -30.40 -31.48
N ILE B 145 -23.43 -29.61 -30.42
CA ILE B 145 -22.61 -28.41 -30.33
C ILE B 145 -21.44 -28.77 -29.41
N GLU B 146 -20.21 -28.48 -29.85
CA GLU B 146 -19.06 -28.76 -29.00
C GLU B 146 -18.94 -27.72 -27.90
N VAL B 147 -18.45 -28.15 -26.74
CA VAL B 147 -18.41 -27.32 -25.55
C VAL B 147 -17.06 -27.42 -24.85
N GLU B 148 -16.56 -26.27 -24.39
CA GLU B 148 -15.34 -26.21 -23.59
C GLU B 148 -15.66 -25.42 -22.32
N ILE B 149 -15.22 -25.91 -21.16
CA ILE B 149 -15.41 -25.22 -19.88
C ILE B 149 -14.12 -24.99 -19.09
N GLY B 150 -14.07 -23.90 -18.35
CA GLY B 150 -12.96 -23.63 -17.45
C GLY B 150 -11.98 -22.59 -17.94
N ILE B 151 -12.12 -22.16 -19.19
CA ILE B 151 -11.23 -21.15 -19.78
C ILE B 151 -11.37 -19.80 -19.07
N CYS B 152 -10.26 -19.27 -18.57
CA CYS B 152 -10.25 -18.06 -17.73
C CYS B 152 -11.22 -18.13 -16.55
N GLU B 153 -11.42 -19.33 -16.01
CA GLU B 153 -12.36 -19.54 -14.91
C GLU B 153 -12.07 -18.64 -13.71
N ASP B 154 -10.81 -18.64 -13.29
CA ASP B 154 -10.32 -17.83 -12.18
C ASP B 154 -10.69 -16.37 -12.32
N LEU B 155 -10.46 -15.82 -13.51
CA LEU B 155 -10.75 -14.42 -13.82
C LEU B 155 -12.23 -14.22 -13.87
N ALA B 156 -12.91 -15.07 -14.65
CA ALA B 156 -14.36 -15.04 -14.73
C ALA B 156 -15.05 -15.14 -13.38
N ALA B 157 -14.52 -15.98 -12.48
CA ALA B 157 -15.12 -16.15 -11.16
C ALA B 157 -15.04 -14.86 -10.30
N LYS B 158 -14.08 -13.98 -10.60
CA LYS B 158 -13.97 -12.67 -9.92
C LYS B 158 -15.17 -11.75 -10.19
N LEU B 159 -15.90 -12.02 -11.26
CA LEU B 159 -17.09 -11.26 -11.60
C LEU B 159 -18.32 -11.56 -10.74
N ASN B 160 -18.30 -12.68 -10.01
CA ASN B 160 -19.47 -13.14 -9.26
C ASN B 160 -19.15 -13.85 -7.96
N GLN B 161 -18.26 -13.27 -7.17
CA GLN B 161 -17.81 -13.90 -5.95
C GLN B 161 -18.97 -14.28 -5.00
N GLY B 162 -19.97 -13.41 -4.89
CA GLY B 162 -21.07 -13.63 -3.98
C GLY B 162 -21.95 -14.69 -4.59
N PHE B 163 -22.31 -14.49 -5.86
CA PHE B 163 -23.18 -15.38 -6.58
C PHE B 163 -22.65 -16.82 -6.62
N LEU B 164 -21.39 -16.98 -6.99
CA LEU B 164 -20.84 -18.34 -7.08
C LEU B 164 -20.79 -18.99 -5.70
N LYS B 165 -20.46 -18.20 -4.67
CA LYS B 165 -20.40 -18.72 -3.32
C LYS B 165 -21.78 -19.12 -2.81
N ALA B 166 -22.77 -18.24 -3.02
CA ALA B 166 -24.10 -18.48 -2.46
C ALA B 166 -24.80 -19.63 -3.16
N MET B 167 -24.61 -19.75 -4.48
CA MET B 167 -25.26 -20.81 -5.22
C MET B 167 -24.64 -22.18 -4.90
N SER B 168 -23.39 -22.20 -4.45
CA SER B 168 -22.70 -23.48 -4.20
C SER B 168 -22.66 -23.91 -2.74
N THR B 169 -22.85 -22.97 -1.81
CA THR B 169 -22.64 -23.21 -0.38
C THR B 169 -23.82 -22.72 0.44
N GLY B 170 -24.69 -21.90 -0.17
CA GLY B 170 -25.79 -21.26 0.56
C GLY B 170 -25.41 -20.09 1.46
N MET B 171 -24.13 -19.67 1.43
CA MET B 171 -23.68 -18.49 2.19
C MET B 171 -23.19 -17.34 1.30
N PRO B 172 -23.46 -16.08 1.70
CA PRO B 172 -23.00 -14.93 0.91
C PRO B 172 -21.47 -14.72 0.98
N TYR B 173 -20.90 -14.05 -0.01
CA TYR B 173 -19.54 -13.54 0.12
C TYR B 173 -19.69 -12.29 0.98
N VAL B 174 -18.92 -12.26 2.06
CA VAL B 174 -19.01 -11.18 3.03
C VAL B 174 -17.74 -10.36 3.05
N ARG B 175 -17.90 -9.06 2.82
CA ARG B 175 -16.80 -8.13 2.89
C ARG B 175 -16.99 -7.24 4.10
N LEU B 176 -15.89 -7.00 4.78
CA LEU B 176 -15.91 -6.20 5.99
C LEU B 176 -15.07 -4.97 5.72
N LYS B 177 -15.68 -3.80 5.92
CA LYS B 177 -14.99 -2.54 5.76
C LYS B 177 -14.53 -2.10 7.12
N VAL B 178 -13.25 -1.79 7.19
CA VAL B 178 -12.70 -1.17 8.37
C VAL B 178 -11.81 0.02 7.96
N ALA B 179 -11.87 1.07 8.78
CA ALA B 179 -11.10 2.29 8.58
C ALA B 179 -10.36 2.56 9.87
N SER B 180 -9.04 2.62 9.78
CA SER B 180 -8.20 2.79 10.96
C SER B 180 -6.99 3.67 10.70
N SER B 181 -6.33 4.04 11.80
CA SER B 181 -5.14 4.88 11.76
C SER B 181 -3.94 3.98 11.49
N LEU B 182 -2.77 4.57 11.25
CA LEU B 182 -1.56 3.81 11.17
C LEU B 182 -1.39 2.87 12.37
N ASP B 183 -1.78 3.35 13.55
CA ASP B 183 -1.62 2.57 14.78
C ASP B 183 -2.89 1.83 15.19
N GLY B 184 -3.72 1.52 14.21
CA GLY B 184 -4.73 0.48 14.32
C GLY B 184 -5.93 0.91 15.12
N ARG B 185 -6.14 2.21 15.18
CA ARG B 185 -7.17 2.81 16.02
C ARG B 185 -8.16 3.54 15.12
N THR B 186 -9.36 3.79 15.66
CA THR B 186 -10.44 4.28 14.84
C THR B 186 -11.02 5.58 15.38
N ALA B 187 -10.98 5.77 16.69
CA ALA B 187 -11.53 6.96 17.31
C ALA B 187 -10.84 7.24 18.64
N MET B 188 -10.96 8.48 19.12
CA MET B 188 -10.54 8.81 20.46
C MET B 188 -11.62 8.29 21.42
N ALA B 189 -12.81 8.87 21.30
CA ALA B 189 -14.01 8.42 22.02
C ALA B 189 -15.05 7.99 20.99
N SER B 190 -16.02 7.19 21.43
CA SER B 190 -17.11 6.76 20.55
C SER B 190 -18.18 7.85 20.38
N GLY B 191 -18.98 7.70 19.31
CA GLY B 191 -20.12 8.59 19.04
C GLY B 191 -19.77 10.02 18.65
N GLU B 192 -18.52 10.25 18.26
CA GLU B 192 -18.07 11.58 17.87
C GLU B 192 -18.25 11.86 16.37
N SER B 193 -18.32 10.79 15.58
CA SER B 193 -18.52 10.83 14.13
C SER B 193 -17.37 11.50 13.40
N LYS B 194 -16.16 11.36 13.94
CA LYS B 194 -14.98 11.94 13.32
C LYS B 194 -14.38 11.04 12.26
N TRP B 195 -13.74 11.64 11.28
CA TRP B 195 -13.22 10.91 10.15
C TRP B 195 -11.74 11.04 10.15
N ILE B 196 -11.07 9.93 9.92
CA ILE B 196 -9.62 9.97 9.75
C ILE B 196 -9.25 9.72 8.31
N THR B 197 -10.15 9.07 7.58
CA THR B 197 -9.97 8.80 6.16
C THR B 197 -10.56 9.94 5.33
N GLY B 198 -10.08 10.08 4.10
CA GLY B 198 -10.50 11.15 3.22
C GLY B 198 -11.63 10.78 2.27
N SER B 199 -11.87 11.68 1.32
CA SER B 199 -13.00 11.58 0.44
C SER B 199 -12.79 10.57 -0.68
N ALA B 200 -11.54 10.33 -1.09
CA ALA B 200 -11.32 9.32 -2.11
C ALA B 200 -11.73 7.95 -1.56
N ALA B 201 -11.46 7.70 -0.28
CA ALA B 201 -11.87 6.45 0.33
C ALA B 201 -13.42 6.33 0.44
N ARG B 202 -14.09 7.47 0.64
CA ARG B 202 -15.57 7.54 0.58
C ARG B 202 -16.07 7.03 -0.77
N GLN B 203 -15.42 7.53 -1.82
CA GLN B 203 -15.74 7.19 -3.19
C GLN B 203 -15.58 5.69 -3.43
N ASP B 204 -14.51 5.12 -2.90
CA ASP B 204 -14.22 3.70 -3.06
C ASP B 204 -15.25 2.82 -2.34
N VAL B 205 -15.70 3.28 -1.18
CA VAL B 205 -16.68 2.54 -0.39
C VAL B 205 -17.95 2.36 -1.19
N GLN B 206 -18.27 3.37 -1.99
CA GLN B 206 -19.44 3.37 -2.83
C GLN B 206 -19.42 2.18 -3.80
N HIS B 207 -18.27 1.92 -4.41
CA HIS B 207 -18.15 0.75 -5.26
C HIS B 207 -18.51 -0.50 -4.50
N TRP B 208 -18.00 -0.66 -3.29
CA TRP B 208 -18.24 -1.88 -2.50
C TRP B 208 -19.65 -2.04 -2.07
N ARG B 209 -20.30 -0.92 -1.81
CA ARG B 209 -21.72 -0.93 -1.49
C ARG B 209 -22.53 -1.25 -2.73
N ALA B 210 -22.11 -0.70 -3.87
CA ALA B 210 -22.87 -0.83 -5.10
C ALA B 210 -22.86 -2.26 -5.66
N ILE B 211 -21.90 -3.09 -5.24
CA ILE B 211 -21.92 -4.50 -5.65
C ILE B 211 -22.48 -5.39 -4.56
N SER B 212 -22.95 -4.79 -3.47
CA SER B 212 -23.44 -5.56 -2.32
C SER B 212 -24.98 -5.63 -2.29
N GLY B 213 -25.51 -6.79 -1.95
CA GLY B 213 -26.97 -6.92 -1.83
C GLY B 213 -27.42 -6.34 -0.50
N ALA B 214 -26.48 -6.29 0.45
CA ALA B 214 -26.78 -5.71 1.75
C ALA B 214 -25.56 -5.08 2.34
N VAL B 215 -25.80 -4.04 3.12
CA VAL B 215 -24.80 -3.44 3.97
C VAL B 215 -25.26 -3.67 5.40
N ILE B 216 -24.44 -4.40 6.16
CA ILE B 216 -24.75 -4.67 7.55
C ILE B 216 -24.00 -3.70 8.47
N THR B 217 -24.72 -3.16 9.44
CA THR B 217 -24.16 -2.35 10.52
C THR B 217 -24.92 -2.63 11.84
N GLY B 218 -24.42 -2.10 12.96
CA GLY B 218 -25.11 -2.25 14.24
C GLY B 218 -25.75 -0.96 14.66
N ILE B 219 -26.83 -1.03 15.43
CA ILE B 219 -27.55 0.15 15.87
C ILE B 219 -26.65 1.30 16.39
N ASP B 220 -25.55 0.95 17.05
CA ASP B 220 -24.60 1.94 17.55
C ASP B 220 -24.18 2.92 16.46
N THR B 221 -23.84 2.41 15.28
CA THR B 221 -23.35 3.27 14.20
C THR B 221 -24.46 4.20 13.76
N VAL B 222 -25.66 3.67 13.68
CA VAL B 222 -26.80 4.40 13.23
C VAL B 222 -27.05 5.55 14.20
N ILE B 223 -27.08 5.24 15.49
CA ILE B 223 -27.35 6.25 16.51
C ILE B 223 -26.26 7.32 16.48
N ALA B 224 -25.01 6.89 16.43
CA ALA B 224 -23.84 7.78 16.49
C ALA B 224 -23.69 8.67 15.27
N ASP B 225 -24.02 8.13 14.10
CA ASP B 225 -23.62 8.75 12.84
C ASP B 225 -24.76 9.17 11.92
N ASP B 226 -25.97 8.68 12.21
CA ASP B 226 -27.12 8.86 11.34
C ASP B 226 -26.73 8.50 9.91
N CYS B 227 -25.93 7.44 9.77
CA CYS B 227 -25.42 6.98 8.48
C CYS B 227 -26.55 6.52 7.53
N GLN B 228 -26.26 6.44 6.24
CA GLN B 228 -27.27 6.01 5.24
C GLN B 228 -26.96 4.65 4.65
N LEU B 229 -25.68 4.39 4.41
CA LEU B 229 -25.21 3.11 3.88
C LEU B 229 -25.81 2.72 2.53
N ASN B 230 -26.19 3.73 1.76
CA ASN B 230 -26.70 3.53 0.41
C ASN B 230 -25.68 3.98 -0.62
N VAL B 231 -26.04 3.86 -1.90
CA VAL B 231 -25.14 4.22 -2.98
C VAL B 231 -25.64 5.53 -3.56
N ARG B 232 -24.83 6.59 -3.47
CA ARG B 232 -25.29 7.93 -3.90
C ARG B 232 -24.49 8.56 -5.04
N SER B 233 -23.24 8.15 -5.23
CA SER B 233 -22.46 8.64 -6.35
C SER B 233 -21.40 7.64 -6.77
N LEU B 234 -21.36 7.34 -8.07
CA LEU B 234 -20.36 6.50 -8.70
C LEU B 234 -20.03 7.19 -9.97
N HIS B 235 -18.75 7.35 -10.26
CA HIS B 235 -18.37 8.11 -11.44
C HIS B 235 -18.90 7.49 -12.70
N ASN B 236 -19.61 8.30 -13.50
CA ASN B 236 -20.04 7.91 -14.84
C ASN B 236 -21.20 6.89 -14.86
N ILE B 237 -22.01 6.93 -13.81
CA ILE B 237 -23.13 6.00 -13.61
C ILE B 237 -24.21 6.81 -12.89
N ASP B 238 -25.44 6.81 -13.38
CA ASP B 238 -26.46 7.47 -12.58
C ASP B 238 -27.07 6.55 -11.55
N ILE B 239 -27.16 7.10 -10.35
CA ILE B 239 -27.75 6.45 -9.19
C ILE B 239 -28.93 5.53 -9.55
N GLU B 240 -29.82 6.00 -10.44
CA GLU B 240 -31.08 5.31 -10.72
C GLU B 240 -30.89 3.94 -11.39
N THR B 241 -29.74 3.75 -12.03
CA THR B 241 -29.42 2.48 -12.66
C THR B 241 -28.90 1.42 -11.68
N VAL B 242 -28.58 1.85 -10.46
CA VAL B 242 -27.92 1.01 -9.47
C VAL B 242 -28.93 0.17 -8.67
N ALA B 243 -28.68 -1.13 -8.59
CA ALA B 243 -29.48 -2.01 -7.74
C ALA B 243 -28.99 -1.84 -6.30
N GLN B 244 -29.74 -1.07 -5.53
CA GLN B 244 -29.33 -0.61 -4.21
C GLN B 244 -29.21 -1.73 -3.21
N PRO B 245 -28.16 -1.70 -2.38
CA PRO B 245 -28.06 -2.70 -1.31
C PRO B 245 -29.18 -2.48 -0.30
N LYS B 246 -29.60 -3.55 0.35
CA LYS B 246 -30.52 -3.41 1.45
C LYS B 246 -29.69 -2.93 2.62
N ARG B 247 -30.27 -2.07 3.45
CA ARG B 247 -29.60 -1.70 4.69
C ARG B 247 -30.07 -2.57 5.82
N VAL B 248 -29.17 -3.40 6.33
CA VAL B 248 -29.50 -4.32 7.42
C VAL B 248 -28.99 -3.76 8.73
N ILE B 249 -29.89 -3.47 9.65
CA ILE B 249 -29.47 -2.97 10.94
C ILE B 249 -29.66 -4.00 12.04
N LEU B 250 -28.59 -4.29 12.77
CA LEU B 250 -28.66 -5.20 13.92
C LEU B 250 -28.98 -4.38 15.17
N ASP B 251 -30.23 -4.49 15.60
CA ASP B 251 -30.78 -3.63 16.65
C ASP B 251 -31.57 -4.48 17.67
N ARG B 252 -30.83 -5.18 18.53
CA ARG B 252 -31.37 -6.25 19.37
C ARG B 252 -32.33 -5.73 20.44
N ARG B 253 -32.13 -4.49 20.88
CA ARG B 253 -33.01 -3.88 21.87
C ARG B 253 -34.02 -2.90 21.25
N GLY B 254 -34.04 -2.83 19.91
CA GLY B 254 -35.01 -2.02 19.16
C GLY B 254 -34.93 -0.52 19.48
N ARG B 255 -33.73 0.01 19.50
CA ARG B 255 -33.55 1.42 19.86
C ARG B 255 -33.44 2.33 18.64
N LEU B 256 -33.79 1.80 17.46
CA LEU B 256 -33.72 2.57 16.22
C LEU B 256 -34.77 3.66 16.19
N PRO B 257 -34.34 4.93 16.17
CA PRO B 257 -35.31 6.03 16.13
C PRO B 257 -35.93 6.14 14.75
N LEU B 258 -37.22 6.46 14.70
CA LEU B 258 -37.90 6.62 13.42
C LEU B 258 -37.37 7.80 12.61
N THR B 259 -36.61 8.69 13.25
CA THR B 259 -36.06 9.88 12.61
C THR B 259 -34.74 9.63 11.85
N ALA B 260 -34.14 8.46 12.06
CA ALA B 260 -32.84 8.14 11.43
C ALA B 260 -32.90 8.26 9.91
N LYS B 261 -31.89 8.91 9.34
CA LYS B 261 -31.80 9.12 7.90
C LYS B 261 -31.91 7.80 7.14
N ILE B 262 -31.40 6.73 7.74
CA ILE B 262 -31.42 5.41 7.10
C ILE B 262 -32.85 4.95 6.75
N LEU B 263 -33.81 5.37 7.55
CA LEU B 263 -35.20 5.03 7.33
C LEU B 263 -35.85 5.92 6.26
N GLU B 264 -35.01 6.63 5.50
CA GLU B 264 -35.49 7.51 4.44
C GLU B 264 -36.25 6.67 3.41
N ASN B 265 -35.60 5.59 2.96
CA ASN B 265 -36.23 4.66 2.04
C ASN B 265 -36.52 3.32 2.75
N PRO B 266 -37.65 3.24 3.47
CA PRO B 266 -37.89 2.16 4.41
C PRO B 266 -37.94 0.77 3.76
N GLU B 267 -38.36 0.72 2.50
CA GLU B 267 -38.45 -0.53 1.72
C GLU B 267 -37.11 -1.23 1.55
N THR B 268 -36.02 -0.46 1.63
CA THR B 268 -34.69 -1.06 1.51
C THR B 268 -34.01 -1.23 2.88
N VAL B 269 -34.81 -1.18 3.95
CA VAL B 269 -34.26 -1.40 5.30
C VAL B 269 -34.73 -2.71 5.94
N MET B 270 -33.76 -3.46 6.47
CA MET B 270 -34.05 -4.63 7.26
C MET B 270 -33.52 -4.36 8.66
N VAL B 271 -34.21 -4.89 9.66
CA VAL B 271 -33.88 -4.59 11.04
C VAL B 271 -33.98 -5.90 11.80
N MET B 272 -32.85 -6.38 12.30
CA MET B 272 -32.86 -7.52 13.20
C MET B 272 -33.01 -7.06 14.66
N GLY B 273 -34.17 -7.34 15.22
CA GLY B 273 -34.47 -6.96 16.58
C GLY B 273 -35.93 -7.20 16.88
N PRO B 274 -36.38 -6.75 18.06
CA PRO B 274 -37.74 -7.07 18.53
C PRO B 274 -38.79 -6.57 17.54
N TYR B 275 -39.84 -7.36 17.32
CA TYR B 275 -40.91 -6.93 16.44
C TYR B 275 -41.47 -5.59 16.90
N ARG B 276 -41.51 -4.63 15.97
CA ARG B 276 -42.02 -3.30 16.28
C ARG B 276 -43.03 -2.85 15.23
N GLN B 277 -44.25 -2.58 15.69
CA GLN B 277 -45.38 -2.26 14.82
C GLN B 277 -45.12 -1.02 13.97
N GLU B 278 -44.45 -0.04 14.58
CA GLU B 278 -44.08 1.20 13.92
C GLU B 278 -43.15 0.95 12.73
N LEU B 279 -42.35 -0.10 12.80
CA LEU B 279 -41.44 -0.43 11.70
C LEU B 279 -42.17 -1.19 10.59
N ALA B 280 -43.21 -1.93 10.97
CA ALA B 280 -44.09 -2.62 10.01
C ALA B 280 -44.81 -1.60 9.14
N ASP B 281 -45.44 -0.63 9.79
CA ASP B 281 -46.19 0.45 9.14
C ASP B 281 -45.39 1.22 8.10
N LEU B 282 -44.07 1.26 8.25
CA LEU B 282 -43.20 1.93 7.28
C LEU B 282 -42.77 0.99 6.16
N GLY B 283 -42.97 -0.32 6.36
CA GLY B 283 -42.61 -1.33 5.37
C GLY B 283 -41.18 -1.82 5.52
N VAL B 284 -40.58 -1.55 6.67
CA VAL B 284 -39.28 -2.10 7.03
C VAL B 284 -39.40 -3.62 7.15
N ILE B 285 -38.47 -4.35 6.53
CA ILE B 285 -38.40 -5.81 6.70
C ILE B 285 -37.84 -6.08 8.08
N GLN B 286 -38.58 -6.80 8.90
CA GLN B 286 -38.11 -7.10 10.24
C GLN B 286 -37.66 -8.54 10.35
N LEU B 287 -36.37 -8.72 10.64
CA LEU B 287 -35.74 -10.02 10.77
C LEU B 287 -35.75 -10.47 12.23
N GLU B 288 -35.89 -11.77 12.45
CA GLU B 288 -35.81 -12.29 13.80
C GLU B 288 -34.36 -12.30 14.28
N ILE B 289 -34.18 -12.17 15.59
CA ILE B 289 -32.85 -12.19 16.19
C ILE B 289 -32.28 -13.58 16.02
N GLN B 290 -31.10 -13.66 15.41
CA GLN B 290 -30.50 -14.93 15.02
C GLN B 290 -28.97 -14.79 15.01
N PRO B 291 -28.23 -15.90 15.23
CA PRO B 291 -26.79 -15.83 15.17
C PRO B 291 -26.32 -15.21 13.87
N LEU B 292 -25.18 -14.53 13.93
CA LEU B 292 -24.63 -13.84 12.76
C LEU B 292 -24.58 -14.76 11.55
N LYS B 293 -24.11 -15.99 11.76
CA LYS B 293 -23.98 -16.96 10.69
C LYS B 293 -25.35 -17.25 10.05
N THR B 294 -26.36 -17.46 10.88
CA THR B 294 -27.71 -17.72 10.44
C THR B 294 -28.31 -16.50 9.71
N LEU B 295 -28.01 -15.30 10.21
CA LEU B 295 -28.45 -14.07 9.55
C LEU B 295 -27.98 -14.08 8.10
N LEU B 296 -26.70 -14.34 7.90
CA LEU B 296 -26.10 -14.41 6.56
C LEU B 296 -26.80 -15.45 5.70
N GLN B 297 -27.08 -16.62 6.28
CA GLN B 297 -27.83 -17.63 5.56
C GLN B 297 -29.23 -17.14 5.13
N THR B 298 -29.94 -16.49 6.06
CA THR B 298 -31.28 -15.97 5.80
C THR B 298 -31.27 -14.93 4.66
N LEU B 299 -30.25 -14.06 4.64
CA LEU B 299 -30.17 -13.02 3.64
C LEU B 299 -30.05 -13.63 2.25
N SER B 300 -29.26 -14.69 2.17
CA SER B 300 -29.02 -15.40 0.94
C SER B 300 -30.26 -16.18 0.46
N LYS B 301 -30.75 -17.04 1.32
CA LYS B 301 -31.85 -17.93 1.00
C LYS B 301 -33.17 -17.15 0.82
N GLN B 302 -33.51 -16.29 1.76
CA GLN B 302 -34.83 -15.64 1.72
C GLN B 302 -34.85 -14.40 0.87
N TYR B 303 -33.73 -13.67 0.83
CA TYR B 303 -33.75 -12.35 0.20
C TYR B 303 -32.82 -12.27 -0.98
N GLN B 304 -32.19 -13.40 -1.30
CA GLN B 304 -31.33 -13.48 -2.46
C GLN B 304 -30.24 -12.43 -2.37
N ILE B 305 -29.64 -12.31 -1.19
CA ILE B 305 -28.52 -11.41 -1.03
C ILE B 305 -27.27 -12.29 -1.01
N TYR B 306 -26.40 -12.13 -2.00
CA TYR B 306 -25.22 -12.99 -2.13
C TYR B 306 -23.87 -12.28 -1.83
N ASP B 307 -23.92 -10.96 -1.79
CA ASP B 307 -22.77 -10.13 -1.49
C ASP B 307 -23.19 -9.30 -0.31
N VAL B 308 -22.41 -9.39 0.76
CA VAL B 308 -22.71 -8.61 1.96
C VAL B 308 -21.51 -7.78 2.26
N LEU B 309 -21.76 -6.54 2.69
CA LEU B 309 -20.74 -5.63 3.18
C LEU B 309 -21.01 -5.22 4.62
N ILE B 310 -20.01 -5.33 5.47
CA ILE B 310 -20.13 -4.92 6.85
C ILE B 310 -19.48 -3.55 7.04
N GLU B 311 -20.27 -2.62 7.56
CA GLU B 311 -19.75 -1.30 7.89
C GLU B 311 -20.24 -1.05 9.29
N ALA B 312 -19.46 -1.52 10.25
CA ALA B 312 -19.91 -1.53 11.63
C ALA B 312 -18.78 -1.13 12.58
N GLY B 313 -19.13 -0.82 13.83
CA GLY B 313 -18.13 -0.52 14.87
C GLY B 313 -17.28 -1.74 15.21
N ALA B 314 -16.45 -1.62 16.26
CA ALA B 314 -15.42 -2.61 16.58
C ALA B 314 -15.99 -3.91 17.11
N THR B 315 -17.05 -3.82 17.90
CA THR B 315 -17.61 -5.00 18.53
C THR B 315 -18.14 -5.97 17.48
N LEU B 316 -19.03 -5.44 16.65
CA LEU B 316 -19.67 -6.24 15.62
C LEU B 316 -18.67 -6.68 14.56
N SER B 317 -17.73 -5.79 14.21
CA SER B 317 -16.67 -6.17 13.25
C SER B 317 -15.83 -7.32 13.80
N SER B 318 -15.45 -7.18 15.06
CA SER B 318 -14.63 -8.18 15.71
C SER B 318 -15.40 -9.49 15.81
N ALA B 319 -16.67 -9.42 16.22
CA ALA B 319 -17.52 -10.62 16.27
C ALA B 319 -17.50 -11.37 14.94
N PHE B 320 -17.75 -10.66 13.84
CA PHE B 320 -17.77 -11.25 12.50
C PHE B 320 -16.44 -11.95 12.16
N LEU B 321 -15.33 -11.25 12.44
CA LEU B 321 -13.98 -11.77 12.23
C LEU B 321 -13.71 -12.99 13.10
N GLN B 322 -14.04 -12.90 14.39
CA GLN B 322 -13.76 -14.01 15.27
C GLN B 322 -14.63 -15.23 15.01
N GLU B 323 -15.85 -15.01 14.55
CA GLU B 323 -16.74 -16.12 14.16
C GLU B 323 -16.41 -16.69 12.77
N GLY B 324 -15.33 -16.20 12.15
CA GLY B 324 -14.90 -16.65 10.81
C GLY B 324 -15.89 -16.38 9.68
N LEU B 325 -16.62 -15.28 9.76
CA LEU B 325 -17.69 -15.02 8.81
C LEU B 325 -17.30 -14.06 7.68
N ILE B 326 -16.02 -13.68 7.63
CA ILE B 326 -15.52 -12.68 6.70
C ILE B 326 -14.69 -13.29 5.57
N ASP B 327 -15.13 -13.09 4.34
CA ASP B 327 -14.42 -13.65 3.21
C ASP B 327 -13.30 -12.74 2.82
N GLU B 328 -13.49 -11.46 3.07
CA GLU B 328 -12.56 -10.44 2.60
C GLU B 328 -12.74 -9.19 3.41
N MET B 329 -11.63 -8.66 3.88
CA MET B 329 -11.63 -7.45 4.64
C MET B 329 -11.02 -6.36 3.76
N ILE B 330 -11.70 -5.22 3.78
CA ILE B 330 -11.30 -4.10 2.98
C ILE B 330 -10.94 -3.05 4.01
N SER B 331 -9.65 -2.80 4.12
CA SER B 331 -9.13 -2.02 5.20
C SER B 331 -8.54 -0.73 4.69
N TYR B 332 -9.13 0.37 5.12
CA TYR B 332 -8.67 1.70 4.75
C TYR B 332 -7.80 2.21 5.88
N VAL B 333 -6.58 2.60 5.55
CA VAL B 333 -5.64 3.07 6.57
C VAL B 333 -5.31 4.52 6.29
N ALA B 334 -5.56 5.37 7.28
CA ALA B 334 -5.31 6.80 7.19
C ALA B 334 -3.93 7.12 7.75
N PRO B 335 -3.20 8.04 7.12
CA PRO B 335 -1.81 8.30 7.56
C PRO B 335 -1.80 9.17 8.82
N THR B 336 -2.27 8.61 9.93
CA THR B 336 -2.34 9.32 11.20
C THR B 336 -2.09 8.33 12.35
N LEU B 337 -1.56 8.85 13.46
CA LEU B 337 -1.44 8.06 14.67
C LEU B 337 -2.38 8.61 15.73
N LEU B 338 -3.18 7.75 16.32
CA LEU B 338 -4.14 8.23 17.32
C LEU B 338 -3.67 8.02 18.76
N GLY B 339 -2.67 7.17 18.93
CA GLY B 339 -2.14 6.94 20.26
C GLY B 339 -2.79 5.76 20.94
N GLN B 340 -2.15 5.29 22.01
CA GLN B 340 -2.51 4.02 22.60
C GLN B 340 -3.85 3.96 23.31
N SER B 341 -4.38 5.09 23.77
CA SER B 341 -5.66 5.06 24.49
C SER B 341 -6.87 5.24 23.58
N ALA B 342 -6.62 5.36 22.27
CA ALA B 342 -7.68 5.48 21.28
C ALA B 342 -8.34 4.10 21.00
N ARG B 343 -9.57 4.13 20.51
CA ARG B 343 -10.37 2.92 20.29
C ARG B 343 -9.74 1.96 19.29
N ALA B 344 -9.64 0.70 19.71
CA ALA B 344 -8.98 -0.36 18.94
C ALA B 344 -9.90 -0.71 17.80
N MET B 345 -9.33 -1.00 16.63
CA MET B 345 -10.13 -1.43 15.49
C MET B 345 -10.66 -2.85 15.69
N PHE B 346 -9.97 -3.63 16.51
CA PHE B 346 -10.27 -5.03 16.72
C PHE B 346 -10.23 -5.35 18.23
N ASN B 347 -11.34 -5.87 18.74
CA ASN B 347 -11.57 -5.98 20.18
C ASN B 347 -11.03 -7.21 20.90
N ALA B 348 -10.51 -8.19 20.15
CA ALA B 348 -10.12 -9.44 20.81
C ALA B 348 -8.93 -9.22 21.72
N ASP B 349 -8.86 -10.05 22.76
CA ASP B 349 -7.78 -10.02 23.71
C ASP B 349 -6.97 -11.30 23.52
N PHE B 350 -5.97 -11.24 22.66
CA PHE B 350 -5.07 -12.37 22.45
C PHE B 350 -3.91 -12.32 23.43
N GLU B 351 -3.46 -13.51 23.83
CA GLU B 351 -2.40 -13.66 24.82
C GLU B 351 -1.09 -14.11 24.20
N TYR B 352 -1.19 -14.87 23.12
CA TYR B 352 -0.04 -15.48 22.47
C TYR B 352 -0.03 -15.11 21.00
N MET B 353 1.16 -15.09 20.39
CA MET B 353 1.30 -14.74 18.97
C MET B 353 0.62 -15.75 18.06
N ALA B 354 0.55 -16.99 18.53
CA ALA B 354 -0.11 -18.06 17.80
C ALA B 354 -1.61 -17.79 17.61
N GLN B 355 -2.18 -16.84 18.36
CA GLN B 355 -3.62 -16.52 18.25
C GLN B 355 -3.97 -15.42 17.24
N GLN B 356 -2.95 -14.84 16.60
CA GLN B 356 -3.15 -13.77 15.64
C GLN B 356 -4.11 -14.18 14.53
N LEU B 357 -4.92 -13.24 14.06
CA LEU B 357 -5.72 -13.46 12.89
C LEU B 357 -4.91 -12.99 11.69
N ARG B 358 -4.20 -13.91 11.05
CA ARG B 358 -3.44 -13.61 9.86
C ARG B 358 -4.33 -13.67 8.63
N PHE B 359 -4.02 -12.79 7.68
CA PHE B 359 -4.70 -12.72 6.38
C PHE B 359 -3.69 -12.83 5.27
N LYS B 360 -4.16 -13.25 4.10
CA LYS B 360 -3.41 -13.13 2.87
C LYS B 360 -3.78 -11.79 2.23
N LEU B 361 -2.76 -11.05 1.85
CA LEU B 361 -2.95 -9.76 1.26
C LEU B 361 -3.19 -9.94 -0.22
N LEU B 362 -4.26 -9.33 -0.73
CA LEU B 362 -4.54 -9.43 -2.15
C LEU B 362 -3.80 -8.31 -2.84
N ASP B 363 -4.12 -7.09 -2.46
CA ASP B 363 -3.43 -5.91 -2.98
C ASP B 363 -3.58 -4.78 -1.97
N VAL B 364 -2.76 -3.76 -2.16
CA VAL B 364 -2.87 -2.49 -1.48
C VAL B 364 -2.91 -1.41 -2.59
N ILE B 365 -3.82 -0.46 -2.49
CA ILE B 365 -3.82 0.69 -3.40
C ILE B 365 -3.80 1.99 -2.60
N GLN B 366 -3.35 3.06 -3.25
CA GLN B 366 -3.40 4.41 -2.69
C GLN B 366 -4.71 5.11 -3.08
N LEU B 367 -5.36 5.75 -2.12
CA LEU B 367 -6.53 6.54 -2.40
C LEU B 367 -6.29 7.91 -1.82
N ASP B 368 -5.67 8.77 -2.64
CA ASP B 368 -5.09 10.04 -2.20
C ASP B 368 -4.13 9.83 -1.02
N GLN B 369 -4.54 10.25 0.17
CA GLN B 369 -3.73 10.18 1.37
C GLN B 369 -3.88 8.86 2.13
N ASP B 370 -4.97 8.14 1.86
CA ASP B 370 -5.25 6.86 2.47
C ASP B 370 -4.76 5.74 1.58
N ILE B 371 -4.57 4.58 2.19
CA ILE B 371 -4.39 3.36 1.43
C ILE B 371 -5.55 2.43 1.72
N ARG B 372 -5.77 1.48 0.81
CA ARG B 372 -6.73 0.42 1.04
C ARG B 372 -6.08 -0.93 0.78
N LEU B 373 -6.24 -1.83 1.74
CA LEU B 373 -5.82 -3.22 1.61
C LEU B 373 -7.05 -4.09 1.45
N ARG B 374 -6.92 -5.11 0.61
CA ARG B 374 -7.92 -6.18 0.58
C ARG B 374 -7.25 -7.45 1.06
N LEU B 375 -7.88 -8.07 2.05
CA LEU B 375 -7.28 -9.15 2.81
C LEU B 375 -8.24 -10.32 2.90
N ILE B 376 -7.72 -11.51 2.64
CA ILE B 376 -8.46 -12.74 2.70
C ILE B 376 -7.95 -13.55 3.89
N PRO B 377 -8.86 -14.06 4.75
CA PRO B 377 -8.40 -15.05 5.76
C PRO B 377 -7.57 -16.18 5.15
N THR B 378 -6.54 -16.60 5.90
CA THR B 378 -5.81 -17.85 5.61
C THR B 378 -6.04 -18.83 6.75
N GLN B 379 -5.62 -20.08 6.54
CA GLN B 379 -5.68 -21.12 7.58
C GLN B 379 -4.52 -22.10 7.44
#